data_3DPA
# 
_entry.id   3DPA 
# 
_audit_conform.dict_name       mmcif_pdbx.dic 
_audit_conform.dict_version    5.387 
_audit_conform.dict_location   http://mmcif.pdb.org/dictionaries/ascii/mmcif_pdbx.dic 
# 
loop_
_database_2.database_id 
_database_2.database_code 
_database_2.pdbx_database_accession 
_database_2.pdbx_DOI 
PDB   3DPA         pdb_00003dpa 10.2210/pdb3dpa/pdb 
WWPDB D_1000178943 ?            ?                   
# 
loop_
_pdbx_audit_revision_history.ordinal 
_pdbx_audit_revision_history.data_content_type 
_pdbx_audit_revision_history.major_revision 
_pdbx_audit_revision_history.minor_revision 
_pdbx_audit_revision_history.revision_date 
1 'Structure model' 1 0 1991-10-15 
2 'Structure model' 1 1 2008-03-25 
3 'Structure model' 1 2 2011-07-13 
4 'Structure model' 1 3 2017-12-20 
5 'Structure model' 1 4 2024-02-21 
# 
_pdbx_audit_revision_details.ordinal             1 
_pdbx_audit_revision_details.revision_ordinal    1 
_pdbx_audit_revision_details.data_content_type   'Structure model' 
_pdbx_audit_revision_details.provider            repository 
_pdbx_audit_revision_details.type                'Initial release' 
_pdbx_audit_revision_details.description         ? 
_pdbx_audit_revision_details.details             ? 
# 
loop_
_pdbx_audit_revision_group.ordinal 
_pdbx_audit_revision_group.revision_ordinal 
_pdbx_audit_revision_group.data_content_type 
_pdbx_audit_revision_group.group 
1 2 'Structure model' 'Version format compliance' 
2 3 'Structure model' 'Version format compliance' 
3 4 'Structure model' Advisory                    
4 4 'Structure model' Other                       
5 5 'Structure model' 'Data collection'           
6 5 'Structure model' 'Database references'       
# 
loop_
_pdbx_audit_revision_category.ordinal 
_pdbx_audit_revision_category.revision_ordinal 
_pdbx_audit_revision_category.data_content_type 
_pdbx_audit_revision_category.category 
1 4 'Structure model' pdbx_database_status       
2 4 'Structure model' pdbx_validate_symm_contact 
3 5 'Structure model' chem_comp_atom             
4 5 'Structure model' chem_comp_bond             
5 5 'Structure model' database_2                 
6 5 'Structure model' struct_ref_seq_dif         
# 
loop_
_pdbx_audit_revision_item.ordinal 
_pdbx_audit_revision_item.revision_ordinal 
_pdbx_audit_revision_item.data_content_type 
_pdbx_audit_revision_item.item 
1 4 'Structure model' '_pdbx_database_status.process_site'  
2 5 'Structure model' '_database_2.pdbx_DOI'                
3 5 'Structure model' '_database_2.pdbx_database_accession' 
4 5 'Structure model' '_struct_ref_seq_dif.details'         
# 
_pdbx_database_status.status_code                     REL 
_pdbx_database_status.entry_id                        3DPA 
_pdbx_database_status.recvd_initial_deposition_date   1991-10-09 
_pdbx_database_status.deposit_site                    ? 
_pdbx_database_status.process_site                    BNL 
_pdbx_database_status.SG_entry                        . 
_pdbx_database_status.pdb_format_compatible           Y 
_pdbx_database_status.status_code_mr                  ? 
_pdbx_database_status.status_code_sf                  ? 
_pdbx_database_status.status_code_cs                  ? 
_pdbx_database_status.methods_development_category    ? 
_pdbx_database_status.status_code_nmr_data            ? 
# 
loop_
_audit_author.name 
_audit_author.pdbx_ordinal 
'Holmgren, A.'   1 
'Branden, C.-I.' 2 
# 
loop_
_citation.id 
_citation.title 
_citation.journal_abbrev 
_citation.journal_volume 
_citation.page_first 
_citation.page_last 
_citation.year 
_citation.journal_id_ASTM 
_citation.country 
_citation.journal_id_ISSN 
_citation.journal_id_CSD 
_citation.book_publisher 
_citation.pdbx_database_id_PubMed 
_citation.pdbx_database_id_DOI 
primary 'Crystal structure of chaperone protein PapD reveals an immunoglobulin fold.'  Nature      342 248 251 1989 NATUAS UK 
0028-0836 0006 ? 2478891 10.1038/342248a0 
1       'Preliminary X-Ray Study of Papd Crystals from Uropathogenic Escherichia Coli' J.Mol.Biol. 203 279 ?   1988 JMOBAK UK 
0022-2836 0070 ? ?       ?                
# 
loop_
_citation_author.citation_id 
_citation_author.name 
_citation_author.ordinal 
_citation_author.identifier_ORCID 
primary 'Holmgren, A.'   1 ? 
primary 'Branden, C.I.'  2 ? 
1       'Holmgren, A.'   3 ? 
1       'Branden, C.-I.' 4 ? 
1       'Lindberg, F.'   5 ? 
1       'Tennant, J.M.'  6 ? 
# 
_entity.id                         1 
_entity.type                       polymer 
_entity.src_method                 man 
_entity.pdbx_description           'CHAPERONE PROTEIN PAPD' 
_entity.formula_weight             24575.869 
_entity.pdbx_number_of_molecules   1 
_entity.pdbx_ec                    ? 
_entity.pdbx_mutation              ? 
_entity.pdbx_fragment              ? 
_entity.details                    ? 
# 
_entity_poly.entity_id                      1 
_entity_poly.type                           'polypeptide(L)' 
_entity_poly.nstd_linkage                   no 
_entity_poly.nstd_monomer                   no 
_entity_poly.pdbx_seq_one_letter_code       
;AVSLDRTRAVFDGSEKSMTLDISNDNKQLPYLAQAWIENENQEKIITGPVIATPPVQRLDPGAKSMVRLSTTPDISKLPQ
DRESLFYFNLREIPPRSEKANVLQIALQTKIKLFYRPAAIKTRPNEVWQDQLILNKVSGGYRIENPTPYYVTVIGLGGSE
KQAEEGEFETVMLSPRSEQTVKSANYNTPYLSYINDYGGRPVLSFICNGSRCSVKKEK
;
_entity_poly.pdbx_seq_one_letter_code_can   
;AVSLDRTRAVFDGSEKSMTLDISNDNKQLPYLAQAWIENENQEKIITGPVIATPPVQRLDPGAKSMVRLSTTPDISKLPQ
DRESLFYFNLREIPPRSEKANVLQIALQTKIKLFYRPAAIKTRPNEVWQDQLILNKVSGGYRIENPTPYYVTVIGLGGSE
KQAEEGEFETVMLSPRSEQTVKSANYNTPYLSYINDYGGRPVLSFICNGSRCSVKKEK
;
_entity_poly.pdbx_strand_id                 A 
_entity_poly.pdbx_target_identifier         ? 
# 
loop_
_entity_poly_seq.entity_id 
_entity_poly_seq.num 
_entity_poly_seq.mon_id 
_entity_poly_seq.hetero 
1 1   ALA n 
1 2   VAL n 
1 3   SER n 
1 4   LEU n 
1 5   ASP n 
1 6   ARG n 
1 7   THR n 
1 8   ARG n 
1 9   ALA n 
1 10  VAL n 
1 11  PHE n 
1 12  ASP n 
1 13  GLY n 
1 14  SER n 
1 15  GLU n 
1 16  LYS n 
1 17  SER n 
1 18  MET n 
1 19  THR n 
1 20  LEU n 
1 21  ASP n 
1 22  ILE n 
1 23  SER n 
1 24  ASN n 
1 25  ASP n 
1 26  ASN n 
1 27  LYS n 
1 28  GLN n 
1 29  LEU n 
1 30  PRO n 
1 31  TYR n 
1 32  LEU n 
1 33  ALA n 
1 34  GLN n 
1 35  ALA n 
1 36  TRP n 
1 37  ILE n 
1 38  GLU n 
1 39  ASN n 
1 40  GLU n 
1 41  ASN n 
1 42  GLN n 
1 43  GLU n 
1 44  LYS n 
1 45  ILE n 
1 46  ILE n 
1 47  THR n 
1 48  GLY n 
1 49  PRO n 
1 50  VAL n 
1 51  ILE n 
1 52  ALA n 
1 53  THR n 
1 54  PRO n 
1 55  PRO n 
1 56  VAL n 
1 57  GLN n 
1 58  ARG n 
1 59  LEU n 
1 60  ASP n 
1 61  PRO n 
1 62  GLY n 
1 63  ALA n 
1 64  LYS n 
1 65  SER n 
1 66  MET n 
1 67  VAL n 
1 68  ARG n 
1 69  LEU n 
1 70  SER n 
1 71  THR n 
1 72  THR n 
1 73  PRO n 
1 74  ASP n 
1 75  ILE n 
1 76  SER n 
1 77  LYS n 
1 78  LEU n 
1 79  PRO n 
1 80  GLN n 
1 81  ASP n 
1 82  ARG n 
1 83  GLU n 
1 84  SER n 
1 85  LEU n 
1 86  PHE n 
1 87  TYR n 
1 88  PHE n 
1 89  ASN n 
1 90  LEU n 
1 91  ARG n 
1 92  GLU n 
1 93  ILE n 
1 94  PRO n 
1 95  PRO n 
1 96  ARG n 
1 97  SER n 
1 98  GLU n 
1 99  LYS n 
1 100 ALA n 
1 101 ASN n 
1 102 VAL n 
1 103 LEU n 
1 104 GLN n 
1 105 ILE n 
1 106 ALA n 
1 107 LEU n 
1 108 GLN n 
1 109 THR n 
1 110 LYS n 
1 111 ILE n 
1 112 LYS n 
1 113 LEU n 
1 114 PHE n 
1 115 TYR n 
1 116 ARG n 
1 117 PRO n 
1 118 ALA n 
1 119 ALA n 
1 120 ILE n 
1 121 LYS n 
1 122 THR n 
1 123 ARG n 
1 124 PRO n 
1 125 ASN n 
1 126 GLU n 
1 127 VAL n 
1 128 TRP n 
1 129 GLN n 
1 130 ASP n 
1 131 GLN n 
1 132 LEU n 
1 133 ILE n 
1 134 LEU n 
1 135 ASN n 
1 136 LYS n 
1 137 VAL n 
1 138 SER n 
1 139 GLY n 
1 140 GLY n 
1 141 TYR n 
1 142 ARG n 
1 143 ILE n 
1 144 GLU n 
1 145 ASN n 
1 146 PRO n 
1 147 THR n 
1 148 PRO n 
1 149 TYR n 
1 150 TYR n 
1 151 VAL n 
1 152 THR n 
1 153 VAL n 
1 154 ILE n 
1 155 GLY n 
1 156 LEU n 
1 157 GLY n 
1 158 GLY n 
1 159 SER n 
1 160 GLU n 
1 161 LYS n 
1 162 GLN n 
1 163 ALA n 
1 164 GLU n 
1 165 GLU n 
1 166 GLY n 
1 167 GLU n 
1 168 PHE n 
1 169 GLU n 
1 170 THR n 
1 171 VAL n 
1 172 MET n 
1 173 LEU n 
1 174 SER n 
1 175 PRO n 
1 176 ARG n 
1 177 SER n 
1 178 GLU n 
1 179 GLN n 
1 180 THR n 
1 181 VAL n 
1 182 LYS n 
1 183 SER n 
1 184 ALA n 
1 185 ASN n 
1 186 TYR n 
1 187 ASN n 
1 188 THR n 
1 189 PRO n 
1 190 TYR n 
1 191 LEU n 
1 192 SER n 
1 193 TYR n 
1 194 ILE n 
1 195 ASN n 
1 196 ASP n 
1 197 TYR n 
1 198 GLY n 
1 199 GLY n 
1 200 ARG n 
1 201 PRO n 
1 202 VAL n 
1 203 LEU n 
1 204 SER n 
1 205 PHE n 
1 206 ILE n 
1 207 CYS n 
1 208 ASN n 
1 209 GLY n 
1 210 SER n 
1 211 ARG n 
1 212 CYS n 
1 213 SER n 
1 214 VAL n 
1 215 LYS n 
1 216 LYS n 
1 217 GLU n 
1 218 LYS n 
# 
_entity_src_gen.entity_id                          1 
_entity_src_gen.pdbx_src_id                        1 
_entity_src_gen.pdbx_alt_source_flag               sample 
_entity_src_gen.pdbx_seq_type                      ? 
_entity_src_gen.pdbx_beg_seq_num                   ? 
_entity_src_gen.pdbx_end_seq_num                   ? 
_entity_src_gen.gene_src_common_name               ? 
_entity_src_gen.gene_src_genus                     Escherichia 
_entity_src_gen.pdbx_gene_src_gene                 ? 
_entity_src_gen.gene_src_species                   ? 
_entity_src_gen.gene_src_strain                    ? 
_entity_src_gen.gene_src_tissue                    ? 
_entity_src_gen.gene_src_tissue_fraction           ? 
_entity_src_gen.gene_src_details                   ? 
_entity_src_gen.pdbx_gene_src_fragment             ? 
_entity_src_gen.pdbx_gene_src_scientific_name      'Escherichia coli' 
_entity_src_gen.pdbx_gene_src_ncbi_taxonomy_id     562 
_entity_src_gen.pdbx_gene_src_variant              ? 
_entity_src_gen.pdbx_gene_src_cell_line            ? 
_entity_src_gen.pdbx_gene_src_atcc                 ? 
_entity_src_gen.pdbx_gene_src_organ                ? 
_entity_src_gen.pdbx_gene_src_organelle            ? 
_entity_src_gen.pdbx_gene_src_cell                 ? 
_entity_src_gen.pdbx_gene_src_cellular_location    ? 
_entity_src_gen.host_org_common_name               ? 
_entity_src_gen.pdbx_host_org_scientific_name      ? 
_entity_src_gen.pdbx_host_org_ncbi_taxonomy_id     ? 
_entity_src_gen.host_org_genus                     ? 
_entity_src_gen.pdbx_host_org_gene                 ? 
_entity_src_gen.pdbx_host_org_organ                ? 
_entity_src_gen.host_org_species                   ? 
_entity_src_gen.pdbx_host_org_tissue               ? 
_entity_src_gen.pdbx_host_org_tissue_fraction      ? 
_entity_src_gen.pdbx_host_org_strain               ? 
_entity_src_gen.pdbx_host_org_variant              ? 
_entity_src_gen.pdbx_host_org_cell_line            ? 
_entity_src_gen.pdbx_host_org_atcc                 ? 
_entity_src_gen.pdbx_host_org_culture_collection   ? 
_entity_src_gen.pdbx_host_org_cell                 ? 
_entity_src_gen.pdbx_host_org_organelle            ? 
_entity_src_gen.pdbx_host_org_cellular_location    ? 
_entity_src_gen.pdbx_host_org_vector_type          ? 
_entity_src_gen.pdbx_host_org_vector               ? 
_entity_src_gen.host_org_details                   ? 
_entity_src_gen.expression_system_id               ? 
_entity_src_gen.plasmid_name                       ? 
_entity_src_gen.plasmid_details                    ? 
_entity_src_gen.pdbx_description                   ? 
# 
loop_
_chem_comp.id 
_chem_comp.type 
_chem_comp.mon_nstd_flag 
_chem_comp.name 
_chem_comp.pdbx_synonyms 
_chem_comp.formula 
_chem_comp.formula_weight 
ALA 'L-peptide linking' y ALANINE         ? 'C3 H7 N O2'     89.093  
ARG 'L-peptide linking' y ARGININE        ? 'C6 H15 N4 O2 1' 175.209 
ASN 'L-peptide linking' y ASPARAGINE      ? 'C4 H8 N2 O3'    132.118 
ASP 'L-peptide linking' y 'ASPARTIC ACID' ? 'C4 H7 N O4'     133.103 
CYS 'L-peptide linking' y CYSTEINE        ? 'C3 H7 N O2 S'   121.158 
GLN 'L-peptide linking' y GLUTAMINE       ? 'C5 H10 N2 O3'   146.144 
GLU 'L-peptide linking' y 'GLUTAMIC ACID' ? 'C5 H9 N O4'     147.129 
GLY 'peptide linking'   y GLYCINE         ? 'C2 H5 N O2'     75.067  
ILE 'L-peptide linking' y ISOLEUCINE      ? 'C6 H13 N O2'    131.173 
LEU 'L-peptide linking' y LEUCINE         ? 'C6 H13 N O2'    131.173 
LYS 'L-peptide linking' y LYSINE          ? 'C6 H15 N2 O2 1' 147.195 
MET 'L-peptide linking' y METHIONINE      ? 'C5 H11 N O2 S'  149.211 
PHE 'L-peptide linking' y PHENYLALANINE   ? 'C9 H11 N O2'    165.189 
PRO 'L-peptide linking' y PROLINE         ? 'C5 H9 N O2'     115.130 
SER 'L-peptide linking' y SERINE          ? 'C3 H7 N O3'     105.093 
THR 'L-peptide linking' y THREONINE       ? 'C4 H9 N O3'     119.119 
TRP 'L-peptide linking' y TRYPTOPHAN      ? 'C11 H12 N2 O2'  204.225 
TYR 'L-peptide linking' y TYROSINE        ? 'C9 H11 N O3'    181.189 
VAL 'L-peptide linking' y VALINE          ? 'C5 H11 N O2'    117.146 
# 
loop_
_pdbx_poly_seq_scheme.asym_id 
_pdbx_poly_seq_scheme.entity_id 
_pdbx_poly_seq_scheme.seq_id 
_pdbx_poly_seq_scheme.mon_id 
_pdbx_poly_seq_scheme.ndb_seq_num 
_pdbx_poly_seq_scheme.pdb_seq_num 
_pdbx_poly_seq_scheme.auth_seq_num 
_pdbx_poly_seq_scheme.pdb_mon_id 
_pdbx_poly_seq_scheme.auth_mon_id 
_pdbx_poly_seq_scheme.pdb_strand_id 
_pdbx_poly_seq_scheme.pdb_ins_code 
_pdbx_poly_seq_scheme.hetero 
A 1 1   ALA 1   1   1   ALA ALA A . n 
A 1 2   VAL 2   2   2   VAL VAL A . n 
A 1 3   SER 3   3   3   SER SER A . n 
A 1 4   LEU 4   4   4   LEU LEU A . n 
A 1 5   ASP 5   5   5   ASP ASP A . n 
A 1 6   ARG 6   6   6   ARG ARG A . n 
A 1 7   THR 7   7   7   THR THR A . n 
A 1 8   ARG 8   8   8   ARG ARG A . n 
A 1 9   ALA 9   9   9   ALA ALA A . n 
A 1 10  VAL 10  10  10  VAL VAL A . n 
A 1 11  PHE 11  11  11  PHE PHE A . n 
A 1 12  ASP 12  12  12  ASP ASP A . n 
A 1 13  GLY 13  13  13  GLY GLY A . n 
A 1 14  SER 14  14  14  SER SER A . n 
A 1 15  GLU 15  15  15  GLU GLU A . n 
A 1 16  LYS 16  16  16  LYS LYS A . n 
A 1 17  SER 17  17  17  SER SER A . n 
A 1 18  MET 18  18  18  MET MET A . n 
A 1 19  THR 19  19  19  THR THR A . n 
A 1 20  LEU 20  20  20  LEU LEU A . n 
A 1 21  ASP 21  21  21  ASP ASP A . n 
A 1 22  ILE 22  22  22  ILE ILE A . n 
A 1 23  SER 23  23  23  SER SER A . n 
A 1 24  ASN 24  24  24  ASN ASN A . n 
A 1 25  ASP 25  25  25  ASP ASP A . n 
A 1 26  ASN 26  26  26  ASN ASN A . n 
A 1 27  LYS 27  27  27  LYS LYS A . n 
A 1 28  GLN 28  28  28  GLN GLN A . n 
A 1 29  LEU 29  29  29  LEU LEU A . n 
A 1 30  PRO 30  30  30  PRO PRO A . n 
A 1 31  TYR 31  31  31  TYR TYR A . n 
A 1 32  LEU 32  32  32  LEU LEU A . n 
A 1 33  ALA 33  33  33  ALA ALA A . n 
A 1 34  GLN 34  34  34  GLN GLN A . n 
A 1 35  ALA 35  35  35  ALA ALA A . n 
A 1 36  TRP 36  36  36  TRP TRP A . n 
A 1 37  ILE 37  37  37  ILE ILE A . n 
A 1 38  GLU 38  38  38  GLU GLU A . n 
A 1 39  ASN 39  39  39  ASN ASN A . n 
A 1 40  GLU 40  40  40  GLU GLU A . n 
A 1 41  ASN 41  41  41  ASN ASN A . n 
A 1 42  GLN 42  42  42  GLN GLN A . n 
A 1 43  GLU 43  43  43  GLU GLU A . n 
A 1 44  LYS 44  44  44  LYS LYS A . n 
A 1 45  ILE 45  45  45  ILE ILE A . n 
A 1 46  ILE 46  46  46  ILE ILE A . n 
A 1 47  THR 47  47  47  THR THR A . n 
A 1 48  GLY 48  48  48  GLY GLY A . n 
A 1 49  PRO 49  49  49  PRO PRO A . n 
A 1 50  VAL 50  50  50  VAL VAL A . n 
A 1 51  ILE 51  51  51  ILE ILE A . n 
A 1 52  ALA 52  52  52  ALA ALA A . n 
A 1 53  THR 53  53  53  THR THR A . n 
A 1 54  PRO 54  54  54  PRO PRO A . n 
A 1 55  PRO 55  55  55  PRO PRO A . n 
A 1 56  VAL 56  56  56  VAL VAL A . n 
A 1 57  GLN 57  57  57  GLN GLN A . n 
A 1 58  ARG 58  58  58  ARG ARG A . n 
A 1 59  LEU 59  59  59  LEU LEU A . n 
A 1 60  ASP 60  60  60  ASP ASP A . n 
A 1 61  PRO 61  61  61  PRO PRO A . n 
A 1 62  GLY 62  62  62  GLY GLY A . n 
A 1 63  ALA 63  63  63  ALA ALA A . n 
A 1 64  LYS 64  64  64  LYS LYS A . n 
A 1 65  SER 65  65  65  SER SER A . n 
A 1 66  MET 66  66  66  MET MET A . n 
A 1 67  VAL 67  67  67  VAL VAL A . n 
A 1 68  ARG 68  68  68  ARG ARG A . n 
A 1 69  LEU 69  69  69  LEU LEU A . n 
A 1 70  SER 70  70  70  SER SER A . n 
A 1 71  THR 71  71  71  THR THR A . n 
A 1 72  THR 72  72  72  THR THR A . n 
A 1 73  PRO 73  73  73  PRO PRO A . n 
A 1 74  ASP 74  74  74  ASP ASP A . n 
A 1 75  ILE 75  75  75  ILE ILE A . n 
A 1 76  SER 76  76  76  SER SER A . n 
A 1 77  LYS 77  77  77  LYS LYS A . n 
A 1 78  LEU 78  78  78  LEU LEU A . n 
A 1 79  PRO 79  79  79  PRO PRO A . n 
A 1 80  GLN 80  80  80  GLN GLN A . n 
A 1 81  ASP 81  81  81  ASP ASP A . n 
A 1 82  ARG 82  82  82  ARG ARG A . n 
A 1 83  GLU 83  83  83  GLU GLU A . n 
A 1 84  SER 84  84  84  SER SER A . n 
A 1 85  LEU 85  85  85  LEU LEU A . n 
A 1 86  PHE 86  86  86  PHE PHE A . n 
A 1 87  TYR 87  87  87  TYR TYR A . n 
A 1 88  PHE 88  88  88  PHE PHE A . n 
A 1 89  ASN 89  89  89  ASN ASN A . n 
A 1 90  LEU 90  90  90  LEU LEU A . n 
A 1 91  ARG 91  91  91  ARG ARG A . n 
A 1 92  GLU 92  92  92  GLU GLU A . n 
A 1 93  ILE 93  93  93  ILE ILE A . n 
A 1 94  PRO 94  94  94  PRO PRO A . n 
A 1 95  PRO 95  95  95  PRO PRO A . n 
A 1 96  ARG 96  96  96  ARG ARG A . n 
A 1 97  SER 97  97  97  SER SER A . n 
A 1 98  GLU 98  98  98  GLU GLU A . n 
A 1 99  LYS 99  99  99  LYS LYS A . n 
A 1 100 ALA 100 100 100 ALA ALA A . n 
A 1 101 ASN 101 101 101 ASN ASN A . n 
A 1 102 VAL 102 102 102 VAL VAL A . n 
A 1 103 LEU 103 103 103 LEU LEU A . n 
A 1 104 GLN 104 104 104 GLN GLN A . n 
A 1 105 ILE 105 105 105 ILE ILE A . n 
A 1 106 ALA 106 106 106 ALA ALA A . n 
A 1 107 LEU 107 107 107 LEU LEU A . n 
A 1 108 GLN 108 108 108 GLN GLN A . n 
A 1 109 THR 109 109 109 THR THR A . n 
A 1 110 LYS 110 110 110 LYS LYS A . n 
A 1 111 ILE 111 111 111 ILE ILE A . n 
A 1 112 LYS 112 112 112 LYS LYS A . n 
A 1 113 LEU 113 113 113 LEU LEU A . n 
A 1 114 PHE 114 114 114 PHE PHE A . n 
A 1 115 TYR 115 115 115 TYR TYR A . n 
A 1 116 ARG 116 116 116 ARG ARG A . n 
A 1 117 PRO 117 117 117 PRO PRO A . n 
A 1 118 ALA 118 118 118 ALA ALA A . n 
A 1 119 ALA 119 119 119 ALA ALA A . n 
A 1 120 ILE 120 120 120 ILE ILE A . n 
A 1 121 LYS 121 121 121 LYS LYS A . n 
A 1 122 THR 122 122 122 THR THR A . n 
A 1 123 ARG 123 123 123 ARG ARG A . n 
A 1 124 PRO 124 124 124 PRO PRO A . n 
A 1 125 ASN 125 125 125 ASN ASN A . n 
A 1 126 GLU 126 126 126 GLU GLU A . n 
A 1 127 VAL 127 127 127 VAL VAL A . n 
A 1 128 TRP 128 128 128 TRP TRP A . n 
A 1 129 GLN 129 129 129 GLN GLN A . n 
A 1 130 ASP 130 130 130 ASP ASP A . n 
A 1 131 GLN 131 131 131 GLN GLN A . n 
A 1 132 LEU 132 132 132 LEU LEU A . n 
A 1 133 ILE 133 133 133 ILE ILE A . n 
A 1 134 LEU 134 134 134 LEU LEU A . n 
A 1 135 ASN 135 135 135 ASN ASN A . n 
A 1 136 LYS 136 136 136 LYS LYS A . n 
A 1 137 VAL 137 137 137 VAL VAL A . n 
A 1 138 SER 138 138 138 SER SER A . n 
A 1 139 GLY 139 139 139 GLY GLY A . n 
A 1 140 GLY 140 140 140 GLY GLY A . n 
A 1 141 TYR 141 141 141 TYR TYR A . n 
A 1 142 ARG 142 142 142 ARG ARG A . n 
A 1 143 ILE 143 143 143 ILE ILE A . n 
A 1 144 GLU 144 144 144 GLU GLU A . n 
A 1 145 ASN 145 145 145 ASN ASN A . n 
A 1 146 PRO 146 146 146 PRO PRO A . n 
A 1 147 THR 147 147 147 THR THR A . n 
A 1 148 PRO 148 148 148 PRO PRO A . n 
A 1 149 TYR 149 149 149 TYR TYR A . n 
A 1 150 TYR 150 150 150 TYR TYR A . n 
A 1 151 VAL 151 151 151 VAL VAL A . n 
A 1 152 THR 152 152 152 THR THR A . n 
A 1 153 VAL 153 153 153 VAL VAL A . n 
A 1 154 ILE 154 154 154 ILE ILE A . n 
A 1 155 GLY 155 155 155 GLY GLY A . n 
A 1 156 LEU 156 156 156 LEU LEU A . n 
A 1 157 GLY 157 157 157 GLY GLY A . n 
A 1 158 GLY 158 158 158 GLY GLY A . n 
A 1 159 SER 159 159 159 SER SER A . n 
A 1 160 GLU 160 160 160 GLU GLU A . n 
A 1 161 LYS 161 161 161 LYS LYS A . n 
A 1 162 GLN 162 162 162 GLN GLN A . n 
A 1 163 ALA 163 163 163 ALA ALA A . n 
A 1 164 GLU 164 164 164 GLU GLU A . n 
A 1 165 GLU 165 165 165 GLU GLU A . n 
A 1 166 GLY 166 166 166 GLY GLY A . n 
A 1 167 GLU 167 167 167 GLU GLU A . n 
A 1 168 PHE 168 168 168 PHE PHE A . n 
A 1 169 GLU 169 169 169 GLU GLU A . n 
A 1 170 THR 170 170 170 THR THR A . n 
A 1 171 VAL 171 171 171 VAL VAL A . n 
A 1 172 MET 172 172 172 MET MET A . n 
A 1 173 LEU 173 173 173 LEU LEU A . n 
A 1 174 SER 174 174 174 SER SER A . n 
A 1 175 PRO 175 175 175 PRO PRO A . n 
A 1 176 ARG 176 176 176 ARG ARG A . n 
A 1 177 SER 177 177 177 SER SER A . n 
A 1 178 GLU 178 178 178 GLU GLU A . n 
A 1 179 GLN 179 179 179 GLN GLN A . n 
A 1 180 THR 180 180 180 THR THR A . n 
A 1 181 VAL 181 181 181 VAL VAL A . n 
A 1 182 LYS 182 182 182 LYS LYS A . n 
A 1 183 SER 183 183 183 SER SER A . n 
A 1 184 ALA 184 184 184 ALA ALA A . n 
A 1 185 ASN 185 185 185 ASN ASN A . n 
A 1 186 TYR 186 186 186 TYR TYR A . n 
A 1 187 ASN 187 187 187 ASN ASN A . n 
A 1 188 THR 188 188 188 THR THR A . n 
A 1 189 PRO 189 189 189 PRO PRO A . n 
A 1 190 TYR 190 190 190 TYR TYR A . n 
A 1 191 LEU 191 191 191 LEU LEU A . n 
A 1 192 SER 192 192 192 SER SER A . n 
A 1 193 TYR 193 193 193 TYR TYR A . n 
A 1 194 ILE 194 194 194 ILE ILE A . n 
A 1 195 ASN 195 195 195 ASN ASN A . n 
A 1 196 ASP 196 196 196 ASP ASP A . n 
A 1 197 TYR 197 197 197 TYR TYR A . n 
A 1 198 GLY 198 198 198 GLY GLY A . n 
A 1 199 GLY 199 199 199 GLY GLY A . n 
A 1 200 ARG 200 200 200 ARG ARG A . n 
A 1 201 PRO 201 201 201 PRO PRO A . n 
A 1 202 VAL 202 202 202 VAL VAL A . n 
A 1 203 LEU 203 203 203 LEU LEU A . n 
A 1 204 SER 204 204 204 SER SER A . n 
A 1 205 PHE 205 205 205 PHE PHE A . n 
A 1 206 ILE 206 206 206 ILE ILE A . n 
A 1 207 CYS 207 207 207 CYS CYS A . n 
A 1 208 ASN 208 208 208 ASN ASN A . n 
A 1 209 GLY 209 209 209 GLY GLY A . n 
A 1 210 SER 210 210 210 SER SER A . n 
A 1 211 ARG 211 211 211 ARG ARG A . n 
A 1 212 CYS 212 212 212 CYS CYS A . n 
A 1 213 SER 213 213 213 SER SER A . n 
A 1 214 VAL 214 214 214 VAL VAL A . n 
A 1 215 LYS 215 215 215 LYS LYS A . n 
A 1 216 LYS 216 216 216 LYS LYS A . n 
A 1 217 GLU 217 217 217 GLU GLU A . n 
A 1 218 LYS 218 218 218 LYS LYS A . n 
# 
_software.name             X-PLOR 
_software.classification   refinement 
_software.version          . 
_software.citation_id      ? 
_software.pdbx_ordinal     1 
# 
_cell.entry_id           3DPA 
_cell.length_a           58.200 
_cell.length_b           64.000 
_cell.length_c           67.000 
_cell.angle_alpha        90.00 
_cell.angle_beta         90.00 
_cell.angle_gamma        90.00 
_cell.Z_PDB              4 
_cell.pdbx_unique_axis   ? 
# 
_symmetry.entry_id                         3DPA 
_symmetry.space_group_name_H-M             'P 21 21 21' 
_symmetry.pdbx_full_space_group_name_H-M   ? 
_symmetry.cell_setting                     ? 
_symmetry.Int_Tables_number                19 
# 
_exptl.entry_id          3DPA 
_exptl.method            'X-RAY DIFFRACTION' 
_exptl.crystals_number   ? 
# 
_exptl_crystal.id                    1 
_exptl_crystal.density_meas          ? 
_exptl_crystal.density_Matthews      2.54 
_exptl_crystal.density_percent_sol   51.52 
_exptl_crystal.description           ? 
# 
_diffrn.id                     1 
_diffrn.crystal_id             1 
_diffrn.ambient_temp           ? 
_diffrn.ambient_temp_details   ? 
# 
_refine.entry_id                                 3DPA 
_refine.ls_number_reflns_obs                     ? 
_refine.ls_number_reflns_all                     ? 
_refine.pdbx_ls_sigma_I                          ? 
_refine.pdbx_ls_sigma_F                          ? 
_refine.pdbx_data_cutoff_high_absF               ? 
_refine.pdbx_data_cutoff_low_absF                ? 
_refine.pdbx_data_cutoff_high_rms_absF           ? 
_refine.ls_d_res_low                             ? 
_refine.ls_d_res_high                            2.5 
_refine.ls_percent_reflns_obs                    ? 
_refine.ls_R_factor_obs                          ? 
_refine.ls_R_factor_all                          ? 
_refine.ls_R_factor_R_work                       0.1840000 
_refine.ls_R_factor_R_free                       ? 
_refine.ls_R_factor_R_free_error                 ? 
_refine.ls_R_factor_R_free_error_details         ? 
_refine.ls_percent_reflns_R_free                 ? 
_refine.ls_number_reflns_R_free                  ? 
_refine.ls_number_parameters                     ? 
_refine.ls_number_restraints                     ? 
_refine.occupancy_min                            ? 
_refine.occupancy_max                            ? 
_refine.B_iso_mean                               ? 
_refine.aniso_B[1][1]                            ? 
_refine.aniso_B[2][2]                            ? 
_refine.aniso_B[3][3]                            ? 
_refine.aniso_B[1][2]                            ? 
_refine.aniso_B[1][3]                            ? 
_refine.aniso_B[2][3]                            ? 
_refine.solvent_model_details                    ? 
_refine.solvent_model_param_ksol                 ? 
_refine.solvent_model_param_bsol                 ? 
_refine.pdbx_ls_cross_valid_method               ? 
_refine.details                                  ? 
_refine.pdbx_starting_model                      ? 
_refine.pdbx_method_to_determine_struct          ? 
_refine.pdbx_isotropic_thermal_model             ? 
_refine.pdbx_stereochemistry_target_values       ? 
_refine.pdbx_stereochem_target_val_spec_case     ? 
_refine.pdbx_R_Free_selection_details            ? 
_refine.pdbx_overall_ESU_R                       ? 
_refine.pdbx_overall_ESU_R_Free                  ? 
_refine.overall_SU_ML                            ? 
_refine.overall_SU_B                             ? 
_refine.pdbx_refine_id                           'X-RAY DIFFRACTION' 
_refine.pdbx_diffrn_id                           1 
_refine.pdbx_TLS_residual_ADP_flag               ? 
_refine.correlation_coeff_Fo_to_Fc               ? 
_refine.correlation_coeff_Fo_to_Fc_free          ? 
_refine.pdbx_solvent_vdw_probe_radii             ? 
_refine.pdbx_solvent_ion_probe_radii             ? 
_refine.pdbx_solvent_shrinkage_radii             ? 
_refine.pdbx_overall_phase_error                 ? 
_refine.overall_SU_R_Cruickshank_DPI             ? 
_refine.pdbx_overall_SU_R_free_Cruickshank_DPI   ? 
_refine.pdbx_overall_SU_R_Blow_DPI               ? 
_refine.pdbx_overall_SU_R_free_Blow_DPI          ? 
# 
_refine_hist.pdbx_refine_id                   'X-RAY DIFFRACTION' 
_refine_hist.cycle_id                         LAST 
_refine_hist.pdbx_number_atoms_protein        218 
_refine_hist.pdbx_number_atoms_nucleic_acid   0 
_refine_hist.pdbx_number_atoms_ligand         0 
_refine_hist.number_atoms_solvent             0 
_refine_hist.number_atoms_total               218 
_refine_hist.d_res_high                       2.5 
_refine_hist.d_res_low                        . 
# 
_struct.entry_id                  3DPA 
_struct.title                     'CRYSTAL STRUCTURE OF CHAPERONE PROTEIN PAPD REVEALS AN IMMUNOGLOBULIN FOLD' 
_struct.pdbx_model_details        ? 
_struct.pdbx_CASP_flag            ? 
_struct.pdbx_model_type_details   ? 
# 
_struct_keywords.entry_id        3DPA 
_struct_keywords.pdbx_keywords   'CHAPERONE PROTEIN' 
_struct_keywords.text            'CHAPERONE PROTEIN' 
# 
_struct_asym.id                            A 
_struct_asym.pdbx_blank_PDB_chainid_flag   N 
_struct_asym.pdbx_modified                 N 
_struct_asym.entity_id                     1 
_struct_asym.details                       ? 
# 
_struct_ref.id                         1 
_struct_ref.db_name                    UNP 
_struct_ref.db_code                    PAPD_ECOLI 
_struct_ref.entity_id                  1 
_struct_ref.pdbx_db_accession          P15319 
_struct_ref.pdbx_align_begin           1 
_struct_ref.pdbx_seq_one_letter_code   
;MIRKKILMAAIPLFVISGADAAVSLDRTRAVFDGSEKSMTLDISNDNKQLPYLAQAWIENENQEKIITGPVIATPPVQRL
EPGAKSMVRLSTTPDISKLPQDRESLFYFNLREIPPRSEKANVLQIALQTKIKLFYRPAAIKTRPNEVWQDQLILNKVSG
GYRIENPTPYYVTVIGLGGSEKQAEEGEFETVMLSPRSEQTVKSANYNTPYLSYINDYGGRPVLSFICNGSRCSVKKEK
;
_struct_ref.pdbx_db_isoform            ? 
# 
_struct_ref_seq.align_id                      1 
_struct_ref_seq.ref_id                        1 
_struct_ref_seq.pdbx_PDB_id_code              3DPA 
_struct_ref_seq.pdbx_strand_id                A 
_struct_ref_seq.seq_align_beg                 1 
_struct_ref_seq.pdbx_seq_align_beg_ins_code   ? 
_struct_ref_seq.seq_align_end                 218 
_struct_ref_seq.pdbx_seq_align_end_ins_code   ? 
_struct_ref_seq.pdbx_db_accession             P15319 
_struct_ref_seq.db_align_beg                  22 
_struct_ref_seq.pdbx_db_align_beg_ins_code    ? 
_struct_ref_seq.db_align_end                  239 
_struct_ref_seq.pdbx_db_align_end_ins_code    ? 
_struct_ref_seq.pdbx_auth_seq_align_beg       1 
_struct_ref_seq.pdbx_auth_seq_align_end       218 
# 
_struct_ref_seq_dif.align_id                     1 
_struct_ref_seq_dif.pdbx_pdb_id_code             3DPA 
_struct_ref_seq_dif.mon_id                       ASP 
_struct_ref_seq_dif.pdbx_pdb_strand_id           A 
_struct_ref_seq_dif.seq_num                      60 
_struct_ref_seq_dif.pdbx_pdb_ins_code            ? 
_struct_ref_seq_dif.pdbx_seq_db_name             UNP 
_struct_ref_seq_dif.pdbx_seq_db_accession_code   P15319 
_struct_ref_seq_dif.db_mon_id                    GLU 
_struct_ref_seq_dif.pdbx_seq_db_seq_num          81 
_struct_ref_seq_dif.details                      conflict 
_struct_ref_seq_dif.pdbx_auth_seq_num            60 
_struct_ref_seq_dif.pdbx_ordinal                 1 
# 
_pdbx_struct_assembly.id                   1 
_pdbx_struct_assembly.details              author_defined_assembly 
_pdbx_struct_assembly.method_details       ? 
_pdbx_struct_assembly.oligomeric_details   monomeric 
_pdbx_struct_assembly.oligomeric_count     1 
# 
_pdbx_struct_assembly_gen.assembly_id       1 
_pdbx_struct_assembly_gen.oper_expression   1 
_pdbx_struct_assembly_gen.asym_id_list      A 
# 
_pdbx_struct_oper_list.id                   1 
_pdbx_struct_oper_list.type                 'identity operation' 
_pdbx_struct_oper_list.name                 1_555 
_pdbx_struct_oper_list.symmetry_operation   x,y,z 
_pdbx_struct_oper_list.matrix[1][1]         1.0000000000 
_pdbx_struct_oper_list.matrix[1][2]         0.0000000000 
_pdbx_struct_oper_list.matrix[1][3]         0.0000000000 
_pdbx_struct_oper_list.vector[1]            0.0000000000 
_pdbx_struct_oper_list.matrix[2][1]         0.0000000000 
_pdbx_struct_oper_list.matrix[2][2]         1.0000000000 
_pdbx_struct_oper_list.matrix[2][3]         0.0000000000 
_pdbx_struct_oper_list.vector[2]            0.0000000000 
_pdbx_struct_oper_list.matrix[3][1]         0.0000000000 
_pdbx_struct_oper_list.matrix[3][2]         0.0000000000 
_pdbx_struct_oper_list.matrix[3][3]         1.0000000000 
_pdbx_struct_oper_list.vector[3]            0.0000000000 
# 
_struct_biol.id   1 
# 
loop_
_struct_sheet.id 
_struct_sheet.type 
_struct_sheet.number_strands 
_struct_sheet.details 
S1 ? 7 ? 
S2 ? 8 ? 
# 
loop_
_struct_sheet_order.sheet_id 
_struct_sheet_order.range_id_1 
_struct_sheet_order.range_id_2 
_struct_sheet_order.offset 
_struct_sheet_order.sense 
S1 1 2 ? anti-parallel 
S1 2 3 ? anti-parallel 
S1 3 4 ? anti-parallel 
S1 4 5 ? anti-parallel 
S1 5 6 ? anti-parallel 
S1 6 7 ? anti-parallel 
S2 1 2 ? anti-parallel 
S2 2 3 ? anti-parallel 
S2 3 4 ? anti-parallel 
S2 4 5 ? anti-parallel 
S2 5 6 ? anti-parallel 
S2 6 7 ? anti-parallel 
S2 7 8 ? anti-parallel 
# 
loop_
_struct_sheet_range.sheet_id 
_struct_sheet_range.id 
_struct_sheet_range.beg_label_comp_id 
_struct_sheet_range.beg_label_asym_id 
_struct_sheet_range.beg_label_seq_id 
_struct_sheet_range.pdbx_beg_PDB_ins_code 
_struct_sheet_range.end_label_comp_id 
_struct_sheet_range.end_label_asym_id 
_struct_sheet_range.end_label_seq_id 
_struct_sheet_range.pdbx_end_PDB_ins_code 
_struct_sheet_range.beg_auth_comp_id 
_struct_sheet_range.beg_auth_asym_id 
_struct_sheet_range.beg_auth_seq_id 
_struct_sheet_range.end_auth_comp_id 
_struct_sheet_range.end_auth_asym_id 
_struct_sheet_range.end_auth_seq_id 
S1 1 ALA A 1   ? GLY A 13  ? ALA A 1   GLY A 13  
S1 2 LYS A 16  ? ASP A 25  ? LYS A 16  ASP A 25  
S1 3 ALA A 63  ? THR A 72  ? ALA A 63  THR A 72  
S1 4 PRO A 49  ? ASP A 60  ? PRO A 49  ASP A 60  
S1 5 PRO A 30  ? GLU A 40  ? PRO A 30  GLU A 40  
S1 6 GLU A 83  ? ILE A 93  ? GLU A 83  ILE A 93  
S1 7 ALA A 106 ? ARG A 116 ? ALA A 106 ARG A 116 
S2 1 LEU A 132 ? SER A 138 ? LEU A 132 SER A 138 
S2 2 GLY A 140 ? ASN A 145 ? GLY A 140 ASN A 145 
S2 3 ARG A 176 ? LYS A 182 ? ARG A 176 LYS A 182 
S2 4 THR A 170 ? SER A 174 ? THR A 170 SER A 174 
S2 5 TYR A 149 ? GLY A 155 ? TYR A 149 GLY A 155 
S2 6 TYR A 190 ? ASN A 195 ? TYR A 190 ASN A 195 
S2 7 GLY A 199 ? ASN A 208 ? GLY A 199 ASN A 208 
S2 8 SER A 210 ? LYS A 215 ? SER A 210 LYS A 215 
# 
loop_
_chem_comp_atom.comp_id 
_chem_comp_atom.atom_id 
_chem_comp_atom.type_symbol 
_chem_comp_atom.pdbx_aromatic_flag 
_chem_comp_atom.pdbx_stereo_config 
_chem_comp_atom.pdbx_ordinal 
ALA N    N N N 1   
ALA CA   C N S 2   
ALA C    C N N 3   
ALA O    O N N 4   
ALA CB   C N N 5   
ALA OXT  O N N 6   
ALA H    H N N 7   
ALA H2   H N N 8   
ALA HA   H N N 9   
ALA HB1  H N N 10  
ALA HB2  H N N 11  
ALA HB3  H N N 12  
ALA HXT  H N N 13  
ARG N    N N N 14  
ARG CA   C N S 15  
ARG C    C N N 16  
ARG O    O N N 17  
ARG CB   C N N 18  
ARG CG   C N N 19  
ARG CD   C N N 20  
ARG NE   N N N 21  
ARG CZ   C N N 22  
ARG NH1  N N N 23  
ARG NH2  N N N 24  
ARG OXT  O N N 25  
ARG H    H N N 26  
ARG H2   H N N 27  
ARG HA   H N N 28  
ARG HB2  H N N 29  
ARG HB3  H N N 30  
ARG HG2  H N N 31  
ARG HG3  H N N 32  
ARG HD2  H N N 33  
ARG HD3  H N N 34  
ARG HE   H N N 35  
ARG HH11 H N N 36  
ARG HH12 H N N 37  
ARG HH21 H N N 38  
ARG HH22 H N N 39  
ARG HXT  H N N 40  
ASN N    N N N 41  
ASN CA   C N S 42  
ASN C    C N N 43  
ASN O    O N N 44  
ASN CB   C N N 45  
ASN CG   C N N 46  
ASN OD1  O N N 47  
ASN ND2  N N N 48  
ASN OXT  O N N 49  
ASN H    H N N 50  
ASN H2   H N N 51  
ASN HA   H N N 52  
ASN HB2  H N N 53  
ASN HB3  H N N 54  
ASN HD21 H N N 55  
ASN HD22 H N N 56  
ASN HXT  H N N 57  
ASP N    N N N 58  
ASP CA   C N S 59  
ASP C    C N N 60  
ASP O    O N N 61  
ASP CB   C N N 62  
ASP CG   C N N 63  
ASP OD1  O N N 64  
ASP OD2  O N N 65  
ASP OXT  O N N 66  
ASP H    H N N 67  
ASP H2   H N N 68  
ASP HA   H N N 69  
ASP HB2  H N N 70  
ASP HB3  H N N 71  
ASP HD2  H N N 72  
ASP HXT  H N N 73  
CYS N    N N N 74  
CYS CA   C N R 75  
CYS C    C N N 76  
CYS O    O N N 77  
CYS CB   C N N 78  
CYS SG   S N N 79  
CYS OXT  O N N 80  
CYS H    H N N 81  
CYS H2   H N N 82  
CYS HA   H N N 83  
CYS HB2  H N N 84  
CYS HB3  H N N 85  
CYS HG   H N N 86  
CYS HXT  H N N 87  
GLN N    N N N 88  
GLN CA   C N S 89  
GLN C    C N N 90  
GLN O    O N N 91  
GLN CB   C N N 92  
GLN CG   C N N 93  
GLN CD   C N N 94  
GLN OE1  O N N 95  
GLN NE2  N N N 96  
GLN OXT  O N N 97  
GLN H    H N N 98  
GLN H2   H N N 99  
GLN HA   H N N 100 
GLN HB2  H N N 101 
GLN HB3  H N N 102 
GLN HG2  H N N 103 
GLN HG3  H N N 104 
GLN HE21 H N N 105 
GLN HE22 H N N 106 
GLN HXT  H N N 107 
GLU N    N N N 108 
GLU CA   C N S 109 
GLU C    C N N 110 
GLU O    O N N 111 
GLU CB   C N N 112 
GLU CG   C N N 113 
GLU CD   C N N 114 
GLU OE1  O N N 115 
GLU OE2  O N N 116 
GLU OXT  O N N 117 
GLU H    H N N 118 
GLU H2   H N N 119 
GLU HA   H N N 120 
GLU HB2  H N N 121 
GLU HB3  H N N 122 
GLU HG2  H N N 123 
GLU HG3  H N N 124 
GLU HE2  H N N 125 
GLU HXT  H N N 126 
GLY N    N N N 127 
GLY CA   C N N 128 
GLY C    C N N 129 
GLY O    O N N 130 
GLY OXT  O N N 131 
GLY H    H N N 132 
GLY H2   H N N 133 
GLY HA2  H N N 134 
GLY HA3  H N N 135 
GLY HXT  H N N 136 
ILE N    N N N 137 
ILE CA   C N S 138 
ILE C    C N N 139 
ILE O    O N N 140 
ILE CB   C N S 141 
ILE CG1  C N N 142 
ILE CG2  C N N 143 
ILE CD1  C N N 144 
ILE OXT  O N N 145 
ILE H    H N N 146 
ILE H2   H N N 147 
ILE HA   H N N 148 
ILE HB   H N N 149 
ILE HG12 H N N 150 
ILE HG13 H N N 151 
ILE HG21 H N N 152 
ILE HG22 H N N 153 
ILE HG23 H N N 154 
ILE HD11 H N N 155 
ILE HD12 H N N 156 
ILE HD13 H N N 157 
ILE HXT  H N N 158 
LEU N    N N N 159 
LEU CA   C N S 160 
LEU C    C N N 161 
LEU O    O N N 162 
LEU CB   C N N 163 
LEU CG   C N N 164 
LEU CD1  C N N 165 
LEU CD2  C N N 166 
LEU OXT  O N N 167 
LEU H    H N N 168 
LEU H2   H N N 169 
LEU HA   H N N 170 
LEU HB2  H N N 171 
LEU HB3  H N N 172 
LEU HG   H N N 173 
LEU HD11 H N N 174 
LEU HD12 H N N 175 
LEU HD13 H N N 176 
LEU HD21 H N N 177 
LEU HD22 H N N 178 
LEU HD23 H N N 179 
LEU HXT  H N N 180 
LYS N    N N N 181 
LYS CA   C N S 182 
LYS C    C N N 183 
LYS O    O N N 184 
LYS CB   C N N 185 
LYS CG   C N N 186 
LYS CD   C N N 187 
LYS CE   C N N 188 
LYS NZ   N N N 189 
LYS OXT  O N N 190 
LYS H    H N N 191 
LYS H2   H N N 192 
LYS HA   H N N 193 
LYS HB2  H N N 194 
LYS HB3  H N N 195 
LYS HG2  H N N 196 
LYS HG3  H N N 197 
LYS HD2  H N N 198 
LYS HD3  H N N 199 
LYS HE2  H N N 200 
LYS HE3  H N N 201 
LYS HZ1  H N N 202 
LYS HZ2  H N N 203 
LYS HZ3  H N N 204 
LYS HXT  H N N 205 
MET N    N N N 206 
MET CA   C N S 207 
MET C    C N N 208 
MET O    O N N 209 
MET CB   C N N 210 
MET CG   C N N 211 
MET SD   S N N 212 
MET CE   C N N 213 
MET OXT  O N N 214 
MET H    H N N 215 
MET H2   H N N 216 
MET HA   H N N 217 
MET HB2  H N N 218 
MET HB3  H N N 219 
MET HG2  H N N 220 
MET HG3  H N N 221 
MET HE1  H N N 222 
MET HE2  H N N 223 
MET HE3  H N N 224 
MET HXT  H N N 225 
PHE N    N N N 226 
PHE CA   C N S 227 
PHE C    C N N 228 
PHE O    O N N 229 
PHE CB   C N N 230 
PHE CG   C Y N 231 
PHE CD1  C Y N 232 
PHE CD2  C Y N 233 
PHE CE1  C Y N 234 
PHE CE2  C Y N 235 
PHE CZ   C Y N 236 
PHE OXT  O N N 237 
PHE H    H N N 238 
PHE H2   H N N 239 
PHE HA   H N N 240 
PHE HB2  H N N 241 
PHE HB3  H N N 242 
PHE HD1  H N N 243 
PHE HD2  H N N 244 
PHE HE1  H N N 245 
PHE HE2  H N N 246 
PHE HZ   H N N 247 
PHE HXT  H N N 248 
PRO N    N N N 249 
PRO CA   C N S 250 
PRO C    C N N 251 
PRO O    O N N 252 
PRO CB   C N N 253 
PRO CG   C N N 254 
PRO CD   C N N 255 
PRO OXT  O N N 256 
PRO H    H N N 257 
PRO HA   H N N 258 
PRO HB2  H N N 259 
PRO HB3  H N N 260 
PRO HG2  H N N 261 
PRO HG3  H N N 262 
PRO HD2  H N N 263 
PRO HD3  H N N 264 
PRO HXT  H N N 265 
SER N    N N N 266 
SER CA   C N S 267 
SER C    C N N 268 
SER O    O N N 269 
SER CB   C N N 270 
SER OG   O N N 271 
SER OXT  O N N 272 
SER H    H N N 273 
SER H2   H N N 274 
SER HA   H N N 275 
SER HB2  H N N 276 
SER HB3  H N N 277 
SER HG   H N N 278 
SER HXT  H N N 279 
THR N    N N N 280 
THR CA   C N S 281 
THR C    C N N 282 
THR O    O N N 283 
THR CB   C N R 284 
THR OG1  O N N 285 
THR CG2  C N N 286 
THR OXT  O N N 287 
THR H    H N N 288 
THR H2   H N N 289 
THR HA   H N N 290 
THR HB   H N N 291 
THR HG1  H N N 292 
THR HG21 H N N 293 
THR HG22 H N N 294 
THR HG23 H N N 295 
THR HXT  H N N 296 
TRP N    N N N 297 
TRP CA   C N S 298 
TRP C    C N N 299 
TRP O    O N N 300 
TRP CB   C N N 301 
TRP CG   C Y N 302 
TRP CD1  C Y N 303 
TRP CD2  C Y N 304 
TRP NE1  N Y N 305 
TRP CE2  C Y N 306 
TRP CE3  C Y N 307 
TRP CZ2  C Y N 308 
TRP CZ3  C Y N 309 
TRP CH2  C Y N 310 
TRP OXT  O N N 311 
TRP H    H N N 312 
TRP H2   H N N 313 
TRP HA   H N N 314 
TRP HB2  H N N 315 
TRP HB3  H N N 316 
TRP HD1  H N N 317 
TRP HE1  H N N 318 
TRP HE3  H N N 319 
TRP HZ2  H N N 320 
TRP HZ3  H N N 321 
TRP HH2  H N N 322 
TRP HXT  H N N 323 
TYR N    N N N 324 
TYR CA   C N S 325 
TYR C    C N N 326 
TYR O    O N N 327 
TYR CB   C N N 328 
TYR CG   C Y N 329 
TYR CD1  C Y N 330 
TYR CD2  C Y N 331 
TYR CE1  C Y N 332 
TYR CE2  C Y N 333 
TYR CZ   C Y N 334 
TYR OH   O N N 335 
TYR OXT  O N N 336 
TYR H    H N N 337 
TYR H2   H N N 338 
TYR HA   H N N 339 
TYR HB2  H N N 340 
TYR HB3  H N N 341 
TYR HD1  H N N 342 
TYR HD2  H N N 343 
TYR HE1  H N N 344 
TYR HE2  H N N 345 
TYR HH   H N N 346 
TYR HXT  H N N 347 
VAL N    N N N 348 
VAL CA   C N S 349 
VAL C    C N N 350 
VAL O    O N N 351 
VAL CB   C N N 352 
VAL CG1  C N N 353 
VAL CG2  C N N 354 
VAL OXT  O N N 355 
VAL H    H N N 356 
VAL H2   H N N 357 
VAL HA   H N N 358 
VAL HB   H N N 359 
VAL HG11 H N N 360 
VAL HG12 H N N 361 
VAL HG13 H N N 362 
VAL HG21 H N N 363 
VAL HG22 H N N 364 
VAL HG23 H N N 365 
VAL HXT  H N N 366 
# 
loop_
_chem_comp_bond.comp_id 
_chem_comp_bond.atom_id_1 
_chem_comp_bond.atom_id_2 
_chem_comp_bond.value_order 
_chem_comp_bond.pdbx_aromatic_flag 
_chem_comp_bond.pdbx_stereo_config 
_chem_comp_bond.pdbx_ordinal 
ALA N   CA   sing N N 1   
ALA N   H    sing N N 2   
ALA N   H2   sing N N 3   
ALA CA  C    sing N N 4   
ALA CA  CB   sing N N 5   
ALA CA  HA   sing N N 6   
ALA C   O    doub N N 7   
ALA C   OXT  sing N N 8   
ALA CB  HB1  sing N N 9   
ALA CB  HB2  sing N N 10  
ALA CB  HB3  sing N N 11  
ALA OXT HXT  sing N N 12  
ARG N   CA   sing N N 13  
ARG N   H    sing N N 14  
ARG N   H2   sing N N 15  
ARG CA  C    sing N N 16  
ARG CA  CB   sing N N 17  
ARG CA  HA   sing N N 18  
ARG C   O    doub N N 19  
ARG C   OXT  sing N N 20  
ARG CB  CG   sing N N 21  
ARG CB  HB2  sing N N 22  
ARG CB  HB3  sing N N 23  
ARG CG  CD   sing N N 24  
ARG CG  HG2  sing N N 25  
ARG CG  HG3  sing N N 26  
ARG CD  NE   sing N N 27  
ARG CD  HD2  sing N N 28  
ARG CD  HD3  sing N N 29  
ARG NE  CZ   sing N N 30  
ARG NE  HE   sing N N 31  
ARG CZ  NH1  sing N N 32  
ARG CZ  NH2  doub N N 33  
ARG NH1 HH11 sing N N 34  
ARG NH1 HH12 sing N N 35  
ARG NH2 HH21 sing N N 36  
ARG NH2 HH22 sing N N 37  
ARG OXT HXT  sing N N 38  
ASN N   CA   sing N N 39  
ASN N   H    sing N N 40  
ASN N   H2   sing N N 41  
ASN CA  C    sing N N 42  
ASN CA  CB   sing N N 43  
ASN CA  HA   sing N N 44  
ASN C   O    doub N N 45  
ASN C   OXT  sing N N 46  
ASN CB  CG   sing N N 47  
ASN CB  HB2  sing N N 48  
ASN CB  HB3  sing N N 49  
ASN CG  OD1  doub N N 50  
ASN CG  ND2  sing N N 51  
ASN ND2 HD21 sing N N 52  
ASN ND2 HD22 sing N N 53  
ASN OXT HXT  sing N N 54  
ASP N   CA   sing N N 55  
ASP N   H    sing N N 56  
ASP N   H2   sing N N 57  
ASP CA  C    sing N N 58  
ASP CA  CB   sing N N 59  
ASP CA  HA   sing N N 60  
ASP C   O    doub N N 61  
ASP C   OXT  sing N N 62  
ASP CB  CG   sing N N 63  
ASP CB  HB2  sing N N 64  
ASP CB  HB3  sing N N 65  
ASP CG  OD1  doub N N 66  
ASP CG  OD2  sing N N 67  
ASP OD2 HD2  sing N N 68  
ASP OXT HXT  sing N N 69  
CYS N   CA   sing N N 70  
CYS N   H    sing N N 71  
CYS N   H2   sing N N 72  
CYS CA  C    sing N N 73  
CYS CA  CB   sing N N 74  
CYS CA  HA   sing N N 75  
CYS C   O    doub N N 76  
CYS C   OXT  sing N N 77  
CYS CB  SG   sing N N 78  
CYS CB  HB2  sing N N 79  
CYS CB  HB3  sing N N 80  
CYS SG  HG   sing N N 81  
CYS OXT HXT  sing N N 82  
GLN N   CA   sing N N 83  
GLN N   H    sing N N 84  
GLN N   H2   sing N N 85  
GLN CA  C    sing N N 86  
GLN CA  CB   sing N N 87  
GLN CA  HA   sing N N 88  
GLN C   O    doub N N 89  
GLN C   OXT  sing N N 90  
GLN CB  CG   sing N N 91  
GLN CB  HB2  sing N N 92  
GLN CB  HB3  sing N N 93  
GLN CG  CD   sing N N 94  
GLN CG  HG2  sing N N 95  
GLN CG  HG3  sing N N 96  
GLN CD  OE1  doub N N 97  
GLN CD  NE2  sing N N 98  
GLN NE2 HE21 sing N N 99  
GLN NE2 HE22 sing N N 100 
GLN OXT HXT  sing N N 101 
GLU N   CA   sing N N 102 
GLU N   H    sing N N 103 
GLU N   H2   sing N N 104 
GLU CA  C    sing N N 105 
GLU CA  CB   sing N N 106 
GLU CA  HA   sing N N 107 
GLU C   O    doub N N 108 
GLU C   OXT  sing N N 109 
GLU CB  CG   sing N N 110 
GLU CB  HB2  sing N N 111 
GLU CB  HB3  sing N N 112 
GLU CG  CD   sing N N 113 
GLU CG  HG2  sing N N 114 
GLU CG  HG3  sing N N 115 
GLU CD  OE1  doub N N 116 
GLU CD  OE2  sing N N 117 
GLU OE2 HE2  sing N N 118 
GLU OXT HXT  sing N N 119 
GLY N   CA   sing N N 120 
GLY N   H    sing N N 121 
GLY N   H2   sing N N 122 
GLY CA  C    sing N N 123 
GLY CA  HA2  sing N N 124 
GLY CA  HA3  sing N N 125 
GLY C   O    doub N N 126 
GLY C   OXT  sing N N 127 
GLY OXT HXT  sing N N 128 
ILE N   CA   sing N N 129 
ILE N   H    sing N N 130 
ILE N   H2   sing N N 131 
ILE CA  C    sing N N 132 
ILE CA  CB   sing N N 133 
ILE CA  HA   sing N N 134 
ILE C   O    doub N N 135 
ILE C   OXT  sing N N 136 
ILE CB  CG1  sing N N 137 
ILE CB  CG2  sing N N 138 
ILE CB  HB   sing N N 139 
ILE CG1 CD1  sing N N 140 
ILE CG1 HG12 sing N N 141 
ILE CG1 HG13 sing N N 142 
ILE CG2 HG21 sing N N 143 
ILE CG2 HG22 sing N N 144 
ILE CG2 HG23 sing N N 145 
ILE CD1 HD11 sing N N 146 
ILE CD1 HD12 sing N N 147 
ILE CD1 HD13 sing N N 148 
ILE OXT HXT  sing N N 149 
LEU N   CA   sing N N 150 
LEU N   H    sing N N 151 
LEU N   H2   sing N N 152 
LEU CA  C    sing N N 153 
LEU CA  CB   sing N N 154 
LEU CA  HA   sing N N 155 
LEU C   O    doub N N 156 
LEU C   OXT  sing N N 157 
LEU CB  CG   sing N N 158 
LEU CB  HB2  sing N N 159 
LEU CB  HB3  sing N N 160 
LEU CG  CD1  sing N N 161 
LEU CG  CD2  sing N N 162 
LEU CG  HG   sing N N 163 
LEU CD1 HD11 sing N N 164 
LEU CD1 HD12 sing N N 165 
LEU CD1 HD13 sing N N 166 
LEU CD2 HD21 sing N N 167 
LEU CD2 HD22 sing N N 168 
LEU CD2 HD23 sing N N 169 
LEU OXT HXT  sing N N 170 
LYS N   CA   sing N N 171 
LYS N   H    sing N N 172 
LYS N   H2   sing N N 173 
LYS CA  C    sing N N 174 
LYS CA  CB   sing N N 175 
LYS CA  HA   sing N N 176 
LYS C   O    doub N N 177 
LYS C   OXT  sing N N 178 
LYS CB  CG   sing N N 179 
LYS CB  HB2  sing N N 180 
LYS CB  HB3  sing N N 181 
LYS CG  CD   sing N N 182 
LYS CG  HG2  sing N N 183 
LYS CG  HG3  sing N N 184 
LYS CD  CE   sing N N 185 
LYS CD  HD2  sing N N 186 
LYS CD  HD3  sing N N 187 
LYS CE  NZ   sing N N 188 
LYS CE  HE2  sing N N 189 
LYS CE  HE3  sing N N 190 
LYS NZ  HZ1  sing N N 191 
LYS NZ  HZ2  sing N N 192 
LYS NZ  HZ3  sing N N 193 
LYS OXT HXT  sing N N 194 
MET N   CA   sing N N 195 
MET N   H    sing N N 196 
MET N   H2   sing N N 197 
MET CA  C    sing N N 198 
MET CA  CB   sing N N 199 
MET CA  HA   sing N N 200 
MET C   O    doub N N 201 
MET C   OXT  sing N N 202 
MET CB  CG   sing N N 203 
MET CB  HB2  sing N N 204 
MET CB  HB3  sing N N 205 
MET CG  SD   sing N N 206 
MET CG  HG2  sing N N 207 
MET CG  HG3  sing N N 208 
MET SD  CE   sing N N 209 
MET CE  HE1  sing N N 210 
MET CE  HE2  sing N N 211 
MET CE  HE3  sing N N 212 
MET OXT HXT  sing N N 213 
PHE N   CA   sing N N 214 
PHE N   H    sing N N 215 
PHE N   H2   sing N N 216 
PHE CA  C    sing N N 217 
PHE CA  CB   sing N N 218 
PHE CA  HA   sing N N 219 
PHE C   O    doub N N 220 
PHE C   OXT  sing N N 221 
PHE CB  CG   sing N N 222 
PHE CB  HB2  sing N N 223 
PHE CB  HB3  sing N N 224 
PHE CG  CD1  doub Y N 225 
PHE CG  CD2  sing Y N 226 
PHE CD1 CE1  sing Y N 227 
PHE CD1 HD1  sing N N 228 
PHE CD2 CE2  doub Y N 229 
PHE CD2 HD2  sing N N 230 
PHE CE1 CZ   doub Y N 231 
PHE CE1 HE1  sing N N 232 
PHE CE2 CZ   sing Y N 233 
PHE CE2 HE2  sing N N 234 
PHE CZ  HZ   sing N N 235 
PHE OXT HXT  sing N N 236 
PRO N   CA   sing N N 237 
PRO N   CD   sing N N 238 
PRO N   H    sing N N 239 
PRO CA  C    sing N N 240 
PRO CA  CB   sing N N 241 
PRO CA  HA   sing N N 242 
PRO C   O    doub N N 243 
PRO C   OXT  sing N N 244 
PRO CB  CG   sing N N 245 
PRO CB  HB2  sing N N 246 
PRO CB  HB3  sing N N 247 
PRO CG  CD   sing N N 248 
PRO CG  HG2  sing N N 249 
PRO CG  HG3  sing N N 250 
PRO CD  HD2  sing N N 251 
PRO CD  HD3  sing N N 252 
PRO OXT HXT  sing N N 253 
SER N   CA   sing N N 254 
SER N   H    sing N N 255 
SER N   H2   sing N N 256 
SER CA  C    sing N N 257 
SER CA  CB   sing N N 258 
SER CA  HA   sing N N 259 
SER C   O    doub N N 260 
SER C   OXT  sing N N 261 
SER CB  OG   sing N N 262 
SER CB  HB2  sing N N 263 
SER CB  HB3  sing N N 264 
SER OG  HG   sing N N 265 
SER OXT HXT  sing N N 266 
THR N   CA   sing N N 267 
THR N   H    sing N N 268 
THR N   H2   sing N N 269 
THR CA  C    sing N N 270 
THR CA  CB   sing N N 271 
THR CA  HA   sing N N 272 
THR C   O    doub N N 273 
THR C   OXT  sing N N 274 
THR CB  OG1  sing N N 275 
THR CB  CG2  sing N N 276 
THR CB  HB   sing N N 277 
THR OG1 HG1  sing N N 278 
THR CG2 HG21 sing N N 279 
THR CG2 HG22 sing N N 280 
THR CG2 HG23 sing N N 281 
THR OXT HXT  sing N N 282 
TRP N   CA   sing N N 283 
TRP N   H    sing N N 284 
TRP N   H2   sing N N 285 
TRP CA  C    sing N N 286 
TRP CA  CB   sing N N 287 
TRP CA  HA   sing N N 288 
TRP C   O    doub N N 289 
TRP C   OXT  sing N N 290 
TRP CB  CG   sing N N 291 
TRP CB  HB2  sing N N 292 
TRP CB  HB3  sing N N 293 
TRP CG  CD1  doub Y N 294 
TRP CG  CD2  sing Y N 295 
TRP CD1 NE1  sing Y N 296 
TRP CD1 HD1  sing N N 297 
TRP CD2 CE2  doub Y N 298 
TRP CD2 CE3  sing Y N 299 
TRP NE1 CE2  sing Y N 300 
TRP NE1 HE1  sing N N 301 
TRP CE2 CZ2  sing Y N 302 
TRP CE3 CZ3  doub Y N 303 
TRP CE3 HE3  sing N N 304 
TRP CZ2 CH2  doub Y N 305 
TRP CZ2 HZ2  sing N N 306 
TRP CZ3 CH2  sing Y N 307 
TRP CZ3 HZ3  sing N N 308 
TRP CH2 HH2  sing N N 309 
TRP OXT HXT  sing N N 310 
TYR N   CA   sing N N 311 
TYR N   H    sing N N 312 
TYR N   H2   sing N N 313 
TYR CA  C    sing N N 314 
TYR CA  CB   sing N N 315 
TYR CA  HA   sing N N 316 
TYR C   O    doub N N 317 
TYR C   OXT  sing N N 318 
TYR CB  CG   sing N N 319 
TYR CB  HB2  sing N N 320 
TYR CB  HB3  sing N N 321 
TYR CG  CD1  doub Y N 322 
TYR CG  CD2  sing Y N 323 
TYR CD1 CE1  sing Y N 324 
TYR CD1 HD1  sing N N 325 
TYR CD2 CE2  doub Y N 326 
TYR CD2 HD2  sing N N 327 
TYR CE1 CZ   doub Y N 328 
TYR CE1 HE1  sing N N 329 
TYR CE2 CZ   sing Y N 330 
TYR CE2 HE2  sing N N 331 
TYR CZ  OH   sing N N 332 
TYR OH  HH   sing N N 333 
TYR OXT HXT  sing N N 334 
VAL N   CA   sing N N 335 
VAL N   H    sing N N 336 
VAL N   H2   sing N N 337 
VAL CA  C    sing N N 338 
VAL CA  CB   sing N N 339 
VAL CA  HA   sing N N 340 
VAL C   O    doub N N 341 
VAL C   OXT  sing N N 342 
VAL CB  CG1  sing N N 343 
VAL CB  CG2  sing N N 344 
VAL CB  HB   sing N N 345 
VAL CG1 HG11 sing N N 346 
VAL CG1 HG12 sing N N 347 
VAL CG1 HG13 sing N N 348 
VAL CG2 HG21 sing N N 349 
VAL CG2 HG22 sing N N 350 
VAL CG2 HG23 sing N N 351 
VAL OXT HXT  sing N N 352 
# 
_pdbx_coordinate_model.asym_id   A 
_pdbx_coordinate_model.type      'CA ATOMS ONLY' 
# 
_atom_sites.entry_id                    3DPA 
_atom_sites.fract_transf_matrix[1][1]   -0.00212340 
_atom_sites.fract_transf_matrix[1][2]   -0.01426735 
_atom_sites.fract_transf_matrix[1][3]   -0.00933568 
_atom_sites.fract_transf_matrix[2][1]   0.00308241 
_atom_sites.fract_transf_matrix[2][2]   0.00806330 
_atom_sites.fract_transf_matrix[2][3]   -0.01302392 
_atom_sites.fract_transf_matrix[3][1]   0.01451498 
_atom_sites.fract_transf_matrix[3][2]   -0.00313719 
_atom_sites.fract_transf_matrix[3][3]   0.00149301 
_atom_sites.fract_transf_vector[1]      0.747082 
_atom_sites.fract_transf_vector[2]      0.565657 
_atom_sites.fract_transf_vector[3]      0.349715 
# 
_atom_type.symbol   C 
# 
loop_
_atom_site.group_PDB 
_atom_site.id 
_atom_site.type_symbol 
_atom_site.label_atom_id 
_atom_site.label_alt_id 
_atom_site.label_comp_id 
_atom_site.label_asym_id 
_atom_site.label_entity_id 
_atom_site.label_seq_id 
_atom_site.pdbx_PDB_ins_code 
_atom_site.Cartn_x 
_atom_site.Cartn_y 
_atom_site.Cartn_z 
_atom_site.occupancy 
_atom_site.B_iso_or_equiv 
_atom_site.pdbx_formal_charge 
_atom_site.auth_seq_id 
_atom_site.auth_comp_id 
_atom_site.auth_asym_id 
_atom_site.auth_atom_id 
_atom_site.pdbx_PDB_model_num 
ATOM 1   C CA . ALA A 1 1   ? -11.496 5.974   17.133  1.00 20.00 ? 1   ALA A CA 1 
ATOM 2   C CA . VAL A 1 2   ? -7.764  5.689   16.790  1.00 20.00 ? 2   VAL A CA 1 
ATOM 3   C CA . SER A 1 3   ? -6.761  6.704   13.311  1.00 20.00 ? 3   SER A CA 1 
ATOM 4   C CA . LEU A 1 4   ? -3.292  6.490   11.568  1.00 20.00 ? 4   LEU A CA 1 
ATOM 5   C CA . ASP A 1 5   ? -1.289  9.188   9.858   1.00 20.00 ? 5   ASP A CA 1 
ATOM 6   C CA . ARG A 1 6   ? -1.239  7.325   6.513   1.00 20.00 ? 6   ARG A CA 1 
ATOM 7   C CA . THR A 1 7   ? -2.980  4.923   4.177   1.00 20.00 ? 7   THR A CA 1 
ATOM 8   C CA . ARG A 1 8   ? -0.133  2.615   3.012   1.00 20.00 ? 8   ARG A CA 1 
ATOM 9   C CA . ALA A 1 9   ? 3.449   2.504   4.305   1.00 20.00 ? 9   ALA A CA 1 
ATOM 10  C CA . VAL A 1 10  ? 6.853   1.858   2.818   1.00 20.00 ? 10  VAL A CA 1 
ATOM 11  C CA . PHE A 1 11  ? 9.522   0.495   5.166   1.00 20.00 ? 11  PHE A CA 1 
ATOM 12  C CA . ASP A 1 12  ? 12.905  1.610   3.853   1.00 20.00 ? 12  ASP A CA 1 
ATOM 13  C CA . GLY A 1 13  ? 15.276  -1.317  4.325   1.00 20.00 ? 13  GLY A CA 1 
ATOM 14  C CA . SER A 1 14  ? 18.271  1.103   4.723   1.00 20.00 ? 14  SER A CA 1 
ATOM 15  C CA . GLU A 1 15  ? 17.004  1.916   8.259   1.00 20.00 ? 15  GLU A CA 1 
ATOM 16  C CA . LYS A 1 16  ? 16.344  -0.447  11.186  1.00 20.00 ? 16  LYS A CA 1 
ATOM 17  C CA . SER A 1 17  ? 13.119  1.200   12.349  1.00 20.00 ? 17  SER A CA 1 
ATOM 18  C CA . MET A 1 18  ? 10.605  3.818   11.507  1.00 20.00 ? 18  MET A CA 1 
ATOM 19  C CA . THR A 1 19  ? 7.425   5.072   13.300  1.00 20.00 ? 19  THR A CA 1 
ATOM 20  C CA . LEU A 1 20  ? 3.716   5.518   12.609  1.00 20.00 ? 20  LEU A CA 1 
ATOM 21  C CA . ASP A 1 21  ? 1.723   8.271   14.333  1.00 20.00 ? 21  ASP A CA 1 
ATOM 22  C CA . ILE A 1 22  ? -1.738  7.294   15.666  1.00 20.00 ? 22  ILE A CA 1 
ATOM 23  C CA . SER A 1 23  ? -4.486  9.354   17.437  1.00 20.00 ? 23  SER A CA 1 
ATOM 24  C CA . ASN A 1 24  ? -7.540  8.833   19.608  1.00 20.00 ? 24  ASN A CA 1 
ATOM 25  C CA . ASP A 1 25  ? -9.825  11.283  17.760  1.00 20.00 ? 25  ASP A CA 1 
ATOM 26  C CA . ASN A 1 26  ? -12.613 10.564  20.213  1.00 20.00 ? 26  ASN A CA 1 
ATOM 27  C CA . LYS A 1 27  ? -12.896 13.660  22.332  1.00 20.00 ? 27  LYS A CA 1 
ATOM 28  C CA . GLN A 1 28  ? -14.252 11.673  25.393  1.00 20.00 ? 28  GLN A CA 1 
ATOM 29  C CA . LEU A 1 29  ? -13.661 7.826   25.466  1.00 20.00 ? 29  LEU A CA 1 
ATOM 30  C CA . PRO A 1 30  ? -10.123 6.402   26.170  1.00 20.00 ? 30  PRO A CA 1 
ATOM 31  C CA . TYR A 1 31  ? -9.158  3.468   23.841  1.00 20.00 ? 31  TYR A CA 1 
ATOM 32  C CA . LEU A 1 32  ? -6.676  0.640   23.910  1.00 20.00 ? 32  LEU A CA 1 
ATOM 33  C CA . ALA A 1 33  ? -4.837  0.464   20.532  1.00 20.00 ? 33  ALA A CA 1 
ATOM 34  C CA . GLN A 1 34  ? -3.330  -2.889  19.454  1.00 20.00 ? 34  GLN A CA 1 
ATOM 35  C CA . ALA A 1 35  ? -0.620  -3.195  16.824  1.00 20.00 ? 35  ALA A CA 1 
ATOM 36  C CA . TRP A 1 36  ? 0.573   -6.256  15.028  1.00 20.00 ? 36  TRP A CA 1 
ATOM 37  C CA . ILE A 1 37  ? 2.073   -7.320  11.747  1.00 20.00 ? 37  ILE A CA 1 
ATOM 38  C CA . GLU A 1 38  ? 0.933   -9.987  9.257   1.00 20.00 ? 38  GLU A CA 1 
ATOM 39  C CA . ASN A 1 39  ? 2.622   -11.495 6.332   1.00 20.00 ? 39  ASN A CA 1 
ATOM 40  C CA . GLU A 1 40  ? 1.522   -11.293 2.724   1.00 20.00 ? 40  GLU A CA 1 
ATOM 41  C CA . ASN A 1 41  ? -0.992  -14.107 3.351   1.00 20.00 ? 41  ASN A CA 1 
ATOM 42  C CA . GLN A 1 42  ? -2.483  -12.127 6.204   1.00 20.00 ? 42  GLN A CA 1 
ATOM 43  C CA . GLU A 1 43  ? -1.320  -14.482 8.932   1.00 20.00 ? 43  GLU A CA 1 
ATOM 44  C CA . LYS A 1 44  ? 0.115   -12.764 12.087  1.00 20.00 ? 44  LYS A CA 1 
ATOM 45  C CA . ILE A 1 45  ? 3.761   -12.993 12.522  1.00 20.00 ? 45  ILE A CA 1 
ATOM 46  C CA . ILE A 1 46  ? 4.779   -12.522 16.240  1.00 20.00 ? 46  ILE A CA 1 
ATOM 47  C CA . THR A 1 47  ? 8.523   -12.931 16.077  1.00 20.00 ? 47  THR A CA 1 
ATOM 48  C CA . GLY A 1 48  ? 9.440   -10.818 13.036  1.00 20.00 ? 48  GLY A CA 1 
ATOM 49  C CA . PRO A 1 49  ? 11.133  -10.148 10.475  1.00 20.00 ? 49  PRO A CA 1 
ATOM 50  C CA . VAL A 1 50  ? 9.290   -6.778  11.134  1.00 20.00 ? 50  VAL A CA 1 
ATOM 51  C CA . ILE A 1 51  ? 7.856   -6.128  14.617  1.00 20.00 ? 51  ILE A CA 1 
ATOM 52  C CA . ALA A 1 52  ? 5.522   -3.303  15.868  1.00 20.00 ? 52  ALA A CA 1 
ATOM 53  C CA . THR A 1 53  ? 6.144   -1.923  19.346  1.00 20.00 ? 53  THR A CA 1 
ATOM 54  C CA . PRO A 1 54  ? 4.111   -1.354  21.606  1.00 20.00 ? 54  PRO A CA 1 
ATOM 55  C CA . PRO A 1 55  ? 1.706   -4.262  21.093  1.00 20.00 ? 55  PRO A CA 1 
ATOM 56  C CA . VAL A 1 56  ? -0.858  -2.379  23.241  1.00 20.00 ? 56  VAL A CA 1 
ATOM 57  C CA . GLN A 1 57  ? -1.236  1.084   24.688  1.00 20.00 ? 57  GLN A CA 1 
ATOM 58  C CA . ARG A 1 58  ? -4.086  3.246   26.130  1.00 20.00 ? 58  ARG A CA 1 
ATOM 59  C CA . LEU A 1 59  ? -4.757  6.469   24.189  1.00 20.00 ? 59  LEU A CA 1 
ATOM 60  C CA . ASP A 1 60  ? -6.598  8.975   26.494  1.00 20.00 ? 60  ASP A CA 1 
ATOM 61  C CA . PRO A 1 61  ? -9.351  11.005  24.633  1.00 20.00 ? 61  PRO A CA 1 
ATOM 62  C CA . GLY A 1 62  ? -7.557  13.186  22.005  1.00 20.00 ? 62  GLY A CA 1 
ATOM 63  C CA . ALA A 1 63  ? -3.986  11.839  22.679  1.00 20.00 ? 63  ALA A CA 1 
ATOM 64  C CA . LYS A 1 64  ? -1.531  11.311  19.848  1.00 20.00 ? 64  LYS A CA 1 
ATOM 65  C CA . SER A 1 65  ? 1.187   8.596   19.995  1.00 20.00 ? 65  SER A CA 1 
ATOM 66  C CA . MET A 1 66  ? 3.471   6.355   17.948  1.00 20.00 ? 66  MET A CA 1 
ATOM 67  C CA . VAL A 1 67  ? 4.071   2.690   17.049  1.00 20.00 ? 67  VAL A CA 1 
ATOM 68  C CA . ARG A 1 68  ? 7.662   1.765   16.206  1.00 20.00 ? 68  ARG A CA 1 
ATOM 69  C CA . LEU A 1 69  ? 8.237   -0.798  13.336  1.00 20.00 ? 69  LEU A CA 1 
ATOM 70  C CA . SER A 1 70  ? 11.660  -2.440  13.716  1.00 20.00 ? 70  SER A CA 1 
ATOM 71  C CA . THR A 1 71  ? 13.198  -5.381  11.822  1.00 20.00 ? 71  THR A CA 1 
ATOM 72  C CA . THR A 1 72  ? 14.738  -8.616  13.274  1.00 20.00 ? 72  THR A CA 1 
ATOM 73  C CA . PRO A 1 73  ? 18.177  -10.143 11.962  1.00 20.00 ? 73  PRO A CA 1 
ATOM 74  C CA . ASP A 1 74  ? 16.233  -12.367 9.492   1.00 20.00 ? 74  ASP A CA 1 
ATOM 75  C CA . ILE A 1 75  ? 15.218  -9.305  7.504   1.00 20.00 ? 75  ILE A CA 1 
ATOM 76  C CA . SER A 1 76  ? 18.463  -10.427 5.790   1.00 20.00 ? 76  SER A CA 1 
ATOM 77  C CA . LYS A 1 77  ? 16.628  -13.552 4.453   1.00 20.00 ? 77  LYS A CA 1 
ATOM 78  C CA . LEU A 1 78  ? 14.025  -11.581 2.451   1.00 20.00 ? 78  LEU A CA 1 
ATOM 79  C CA . PRO A 1 79  ? 14.771  -11.039 -1.278  1.00 20.00 ? 79  PRO A CA 1 
ATOM 80  C CA . GLN A 1 80  ? 16.870  -7.962  -1.927  1.00 20.00 ? 80  GLN A CA 1 
ATOM 81  C CA . ASP A 1 81  ? 15.813  -7.526  -5.503  1.00 20.00 ? 81  ASP A CA 1 
ATOM 82  C CA . ARG A 1 82  ? 12.158  -7.063  -4.808  1.00 20.00 ? 82  ARG A CA 1 
ATOM 83  C CA . GLU A 1 83  ? 9.739   -5.642  -2.352  1.00 20.00 ? 83  GLU A CA 1 
ATOM 84  C CA . SER A 1 84  ? 7.998   -7.832  0.246   1.00 20.00 ? 84  SER A CA 1 
ATOM 85  C CA . LEU A 1 85  ? 4.396   -7.153  1.425   1.00 20.00 ? 85  LEU A CA 1 
ATOM 86  C CA . PHE A 1 86  ? 3.248   -7.164  5.033   1.00 20.00 ? 86  PHE A CA 1 
ATOM 87  C CA . TYR A 1 87  ? 0.144   -5.680  6.720   1.00 20.00 ? 87  TYR A CA 1 
ATOM 88  C CA . PHE A 1 88  ? 0.149   -3.371  9.695   1.00 20.00 ? 88  PHE A CA 1 
ATOM 89  C CA . ASN A 1 89  ? -2.933  -3.791  11.841  1.00 20.00 ? 89  ASN A CA 1 
ATOM 90  C CA . LEU A 1 90  ? -4.277  -1.598  14.527  1.00 20.00 ? 90  LEU A CA 1 
ATOM 91  C CA . ARG A 1 91  ? -7.432  -2.467  16.584  1.00 20.00 ? 91  ARG A CA 1 
ATOM 92  C CA . GLU A 1 92  ? -9.397  -0.229  19.059  1.00 20.00 ? 92  GLU A CA 1 
ATOM 93  C CA . ILE A 1 93  ? -10.529 -1.857  22.230  1.00 20.00 ? 93  ILE A CA 1 
ATOM 94  C CA . PRO A 1 94  ? -13.295 0.204   23.839  1.00 20.00 ? 94  PRO A CA 1 
ATOM 95  C CA . PRO A 1 95  ? -11.010 -0.420  26.775  1.00 20.00 ? 95  PRO A CA 1 
ATOM 96  C CA . ARG A 1 96  ? -13.456 -2.464  28.832  1.00 20.00 ? 96  ARG A CA 1 
ATOM 97  C CA . SER A 1 97  ? -17.070 -1.198  29.546  1.00 20.00 ? 97  SER A CA 1 
ATOM 98  C CA . GLU A 1 98  ? -18.738 2.098   30.804  1.00 20.00 ? 98  GLU A CA 1 
ATOM 99  C CA . LYS A 1 99  ? -22.381 1.315   31.329  1.00 20.00 ? 99  LYS A CA 1 
ATOM 100 C CA . ALA A 1 100 ? -24.277 4.455   30.745  1.00 20.00 ? 100 ALA A CA 1 
ATOM 101 C CA . ASN A 1 101 ? -22.637 5.262   27.555  1.00 20.00 ? 101 ASN A CA 1 
ATOM 102 C CA . VAL A 1 102 ? -22.101 2.604   25.186  1.00 20.00 ? 102 VAL A CA 1 
ATOM 103 C CA . LEU A 1 103 ? -20.951 2.775   21.679  1.00 20.00 ? 103 LEU A CA 1 
ATOM 104 C CA . GLN A 1 104 ? -20.149 -0.127  19.417  1.00 20.00 ? 104 GLN A CA 1 
ATOM 105 C CA . ILE A 1 105 ? -17.090 -2.003  18.153  1.00 20.00 ? 105 ILE A CA 1 
ATOM 106 C CA . ALA A 1 106 ? -13.490 -2.947  18.031  1.00 20.00 ? 106 ALA A CA 1 
ATOM 107 C CA . LEU A 1 107 ? -12.639 -1.172  14.817  1.00 20.00 ? 107 LEU A CA 1 
ATOM 108 C CA . GLN A 1 108 ? -9.683  -2.432  12.888  1.00 20.00 ? 108 GLN A CA 1 
ATOM 109 C CA . THR A 1 109 ? -7.476  -0.461  10.417  1.00 20.00 ? 109 THR A CA 1 
ATOM 110 C CA . LYS A 1 110 ? -5.349  -2.630  8.139   1.00 20.00 ? 110 LYS A CA 1 
ATOM 111 C CA . ILE A 1 111 ? -2.757  -0.904  5.836   1.00 20.00 ? 111 ILE A CA 1 
ATOM 112 C CA . LYS A 1 112 ? -0.220  -2.207  3.304   1.00 20.00 ? 112 LYS A CA 1 
ATOM 113 C CA . LEU A 1 113 ? 3.462   -2.086  4.406   1.00 20.00 ? 113 LEU A CA 1 
ATOM 114 C CA . PHE A 1 114 ? 5.918   -2.447  1.522   1.00 20.00 ? 114 PHE A CA 1 
ATOM 115 C CA . TYR A 1 115 ? 9.220   -3.548  2.750   1.00 20.00 ? 115 TYR A CA 1 
ATOM 116 C CA . ARG A 1 116 ? 11.573  -1.948  0.254   1.00 20.00 ? 116 ARG A CA 1 
ATOM 117 C CA . PRO A 1 117 ? 15.173  -3.307  0.713   1.00 20.00 ? 117 PRO A CA 1 
ATOM 118 C CA . ALA A 1 118 ? 17.984  -0.846  0.442   1.00 20.00 ? 118 ALA A CA 1 
ATOM 119 C CA . ALA A 1 119 ? 19.332  -2.393  -2.923  1.00 20.00 ? 119 ALA A CA 1 
ATOM 120 C CA . ILE A 1 120 ? 16.251  -1.348  -4.838  1.00 20.00 ? 120 ILE A CA 1 
ATOM 121 C CA . LYS A 1 121 ? 15.851  2.074   -3.086  1.00 20.00 ? 121 LYS A CA 1 
ATOM 122 C CA . THR A 1 122 ? 13.966  4.562   -5.243  1.00 20.00 ? 122 THR A CA 1 
ATOM 123 C CA . ARG A 1 123 ? 15.845  7.819   -5.197  1.00 20.00 ? 123 ARG A CA 1 
ATOM 124 C CA . PRO A 1 124 ? 13.956  11.200  -5.757  1.00 20.00 ? 124 PRO A CA 1 
ATOM 125 C CA . ASN A 1 125 ? 11.164  12.224  -8.043  1.00 20.00 ? 125 ASN A CA 1 
ATOM 126 C CA . GLU A 1 126 ? 11.460  9.108   -9.971  1.00 20.00 ? 126 GLU A CA 1 
ATOM 127 C CA . VAL A 1 127 ? 8.336   7.912   -11.490 1.00 20.00 ? 127 VAL A CA 1 
ATOM 128 C CA . TRP A 1 128 ? 9.373   4.284   -11.760 1.00 20.00 ? 128 TRP A CA 1 
ATOM 129 C CA . GLN A 1 129 ? 5.849   3.438   -12.928 1.00 20.00 ? 129 GLN A CA 1 
ATOM 130 C CA . ASP A 1 130 ? 6.941   4.892   -16.232 1.00 20.00 ? 130 ASP A CA 1 
ATOM 131 C CA . GLN A 1 131 ? 8.118   1.272   -16.766 1.00 20.00 ? 131 GLN A CA 1 
ATOM 132 C CA . LEU A 1 132 ? 4.710   -0.557  -17.056 1.00 20.00 ? 132 LEU A CA 1 
ATOM 133 C CA . ILE A 1 133 ? 3.878   -2.235  -20.389 1.00 20.00 ? 133 ILE A CA 1 
ATOM 134 C CA . LEU A 1 134 ? 0.356   -2.769  -21.600 1.00 20.00 ? 134 LEU A CA 1 
ATOM 135 C CA . ASN A 1 135 ? -0.018  -5.538  -24.161 1.00 20.00 ? 135 ASN A CA 1 
ATOM 136 C CA . LYS A 1 136 ? -3.273  -5.830  -26.234 1.00 20.00 ? 136 LYS A CA 1 
ATOM 137 C CA . VAL A 1 137 ? -4.545  -9.373  -25.856 1.00 20.00 ? 137 VAL A CA 1 
ATOM 138 C CA . SER A 1 138 ? -7.934  -10.759 -27.071 1.00 20.00 ? 138 SER A CA 1 
ATOM 139 C CA . GLY A 1 139 ? -10.558 -9.264  -24.854 1.00 20.00 ? 139 GLY A CA 1 
ATOM 140 C CA . GLY A 1 140 ? -8.395  -6.783  -22.862 1.00 20.00 ? 140 GLY A CA 1 
ATOM 141 C CA . TYR A 1 141 ? -4.865  -5.905  -21.873 1.00 20.00 ? 141 TYR A CA 1 
ATOM 142 C CA . ARG A 1 142 ? -1.946  -7.723  -20.339 1.00 20.00 ? 142 ARG A CA 1 
ATOM 143 C CA . ILE A 1 143 ? -0.517  -5.304  -17.817 1.00 20.00 ? 143 ILE A CA 1 
ATOM 144 C CA . GLU A 1 144 ? 3.173   -6.121  -17.311 1.00 20.00 ? 144 GLU A CA 1 
ATOM 145 C CA . ASN A 1 145 ? 4.978   -4.949  -14.192 1.00 20.00 ? 145 ASN A CA 1 
ATOM 146 C CA . PRO A 1 146 ? 8.787   -5.300  -15.007 1.00 20.00 ? 146 PRO A CA 1 
ATOM 147 C CA . THR A 1 147 ? 9.779   -3.396  -11.926 1.00 20.00 ? 147 THR A CA 1 
ATOM 148 C CA . PRO A 1 148 ? 10.755  -4.747  -8.478  1.00 20.00 ? 148 PRO A CA 1 
ATOM 149 C CA . TYR A 1 149 ? 7.819   -3.055  -6.735  1.00 20.00 ? 149 TYR A CA 1 
ATOM 150 C CA . TYR A 1 150 ? 4.141   -3.565  -6.262  1.00 20.00 ? 150 TYR A CA 1 
ATOM 151 C CA . VAL A 1 151 ? 2.034   -1.305  -8.509  1.00 20.00 ? 151 VAL A CA 1 
ATOM 152 C CA . THR A 1 152 ? -1.662  -0.663  -7.600  1.00 20.00 ? 152 THR A CA 1 
ATOM 153 C CA . VAL A 1 153 ? -3.663  0.001   -10.778 1.00 20.00 ? 153 VAL A CA 1 
ATOM 154 C CA . ILE A 1 154 ? -7.082  1.676   -10.089 1.00 20.00 ? 154 ILE A CA 1 
ATOM 155 C CA . GLY A 1 155 ? -8.266  2.717   -13.629 1.00 20.00 ? 155 GLY A CA 1 
ATOM 156 C CA . LEU A 1 156 ? -7.667  2.413   -17.385 1.00 20.00 ? 156 LEU A CA 1 
ATOM 157 C CA . GLY A 1 157 ? -9.338  4.075   -20.380 1.00 20.00 ? 157 GLY A CA 1 
ATOM 158 C CA . GLY A 1 158 ? -8.883  5.806   -23.648 1.00 20.00 ? 158 GLY A CA 1 
ATOM 159 C CA . SER A 1 159 ? -8.881  9.146   -21.873 1.00 20.00 ? 159 SER A CA 1 
ATOM 160 C CA . GLU A 1 160 ? -7.644  10.705  -18.660 1.00 20.00 ? 160 GLU A CA 1 
ATOM 161 C CA . LYS A 1 161 ? -11.253 11.035  -17.467 1.00 20.00 ? 161 LYS A CA 1 
ATOM 162 C CA . GLN A 1 162 ? -11.841 7.364   -17.982 1.00 20.00 ? 162 GLN A CA 1 
ATOM 163 C CA . ALA A 1 163 ? -8.694  6.425   -16.222 1.00 20.00 ? 163 ALA A CA 1 
ATOM 164 C CA . GLU A 1 164 ? -9.892  8.090   -12.974 1.00 20.00 ? 164 GLU A CA 1 
ATOM 165 C CA . GLU A 1 165 ? -13.664 8.300   -13.149 1.00 20.00 ? 165 GLU A CA 1 
ATOM 166 C CA . GLY A 1 166 ? -14.394 4.804   -14.680 1.00 20.00 ? 166 GLY A CA 1 
ATOM 167 C CA . GLU A 1 167 ? -15.397 1.571   -12.885 1.00 20.00 ? 167 GLU A CA 1 
ATOM 168 C CA . PHE A 1 168 ? -12.288 -0.590  -12.644 1.00 20.00 ? 168 PHE A CA 1 
ATOM 169 C CA . GLU A 1 169 ? -11.420 -3.256  -10.184 1.00 20.00 ? 169 GLU A CA 1 
ATOM 170 C CA . THR A 1 170 ? -8.165  -2.450  -8.519  1.00 20.00 ? 170 THR A CA 1 
ATOM 171 C CA . VAL A 1 171 ? -5.381  -4.751  -9.522  1.00 20.00 ? 171 VAL A CA 1 
ATOM 172 C CA . MET A 1 172 ? -2.070  -4.739  -7.518  1.00 20.00 ? 172 MET A CA 1 
ATOM 173 C CA . LEU A 1 173 ? 0.719   -6.137  -9.582  1.00 20.00 ? 173 LEU A CA 1 
ATOM 174 C CA . SER A 1 174 ? 3.533   -7.823  -7.458  1.00 20.00 ? 174 SER A CA 1 
ATOM 175 C CA . PRO A 1 175 ? 7.258   -7.261  -8.487  1.00 20.00 ? 175 PRO A CA 1 
ATOM 176 C CA . ARG A 1 176 ? 7.989   -8.689  -11.898 1.00 20.00 ? 176 ARG A CA 1 
ATOM 177 C CA . SER A 1 177 ? 4.661   -10.112 -12.824 1.00 20.00 ? 177 SER A CA 1 
ATOM 178 C CA . GLU A 1 178 ? 1.665   -9.747  -15.267 1.00 20.00 ? 178 GLU A CA 1 
ATOM 179 C CA . GLN A 1 179 ? -2.170  -9.547  -15.001 1.00 20.00 ? 179 GLN A CA 1 
ATOM 180 C CA . THR A 1 180 ? -4.693  -9.607  -17.767 1.00 20.00 ? 180 THR A CA 1 
ATOM 181 C CA . VAL A 1 181 ? -7.605  -7.220  -17.427 1.00 20.00 ? 181 VAL A CA 1 
ATOM 182 C CA . LYS A 1 182 ? -10.826 -7.224  -19.621 1.00 20.00 ? 182 LYS A CA 1 
ATOM 183 C CA . SER A 1 183 ? -11.088 -3.991  -21.591 1.00 20.00 ? 183 SER A CA 1 
ATOM 184 C CA . ALA A 1 184 ? -12.055 -2.503  -24.947 1.00 20.00 ? 184 ALA A CA 1 
ATOM 185 C CA . ASN A 1 185 ? -9.265  -1.371  -27.305 1.00 20.00 ? 185 ASN A CA 1 
ATOM 186 C CA . TYR A 1 186 ? -8.072  2.218   -26.741 1.00 20.00 ? 186 TYR A CA 1 
ATOM 187 C CA . ASN A 1 187 ? -5.858  3.811   -29.343 1.00 20.00 ? 187 ASN A CA 1 
ATOM 188 C CA . THR A 1 188 ? -4.240  5.944   -26.631 1.00 20.00 ? 188 THR A CA 1 
ATOM 189 C CA . PRO A 1 189 ? -4.534  3.999   -23.372 1.00 20.00 ? 189 PRO A CA 1 
ATOM 190 C CA . TYR A 1 190 ? -4.316  5.903   -20.117 1.00 20.00 ? 190 TYR A CA 1 
ATOM 191 C CA . LEU A 1 191 ? -3.676  4.307   -16.747 1.00 20.00 ? 191 LEU A CA 1 
ATOM 192 C CA . SER A 1 192 ? -4.258  5.546   -13.118 1.00 20.00 ? 192 SER A CA 1 
ATOM 193 C CA . TYR A 1 193 ? -2.210  4.175   -10.294 1.00 20.00 ? 193 TYR A CA 1 
ATOM 194 C CA . ILE A 1 194 ? -1.597  4.930   -6.652  1.00 20.00 ? 194 ILE A CA 1 
ATOM 195 C CA . ASN A 1 195 ? 1.929   6.101   -5.656  1.00 20.00 ? 195 ASN A CA 1 
ATOM 196 C CA . ASP A 1 196 ? 3.789   5.838   -2.254  1.00 20.00 ? 196 ASP A CA 1 
ATOM 197 C CA . TYR A 1 197 ? 2.205   9.110   -1.180  1.00 20.00 ? 197 TYR A CA 1 
ATOM 198 C CA . GLY A 1 198 ? -1.375  7.954   -2.075  1.00 20.00 ? 198 GLY A CA 1 
ATOM 199 C CA . GLY A 1 199 ? -1.259  10.544  -4.903  1.00 20.00 ? 199 GLY A CA 1 
ATOM 200 C CA . ARG A 1 200 ? -3.031  8.984   -7.941  1.00 20.00 ? 200 ARG A CA 1 
ATOM 201 C CA . PRO A 1 201 ? -1.215  10.048  -11.123 1.00 20.00 ? 201 PRO A CA 1 
ATOM 202 C CA . VAL A 1 202 ? -2.250  8.951   -14.666 1.00 20.00 ? 202 VAL A CA 1 
ATOM 203 C CA . LEU A 1 203 ? 0.025   7.459   -17.413 1.00 20.00 ? 203 LEU A CA 1 
ATOM 204 C CA . SER A 1 204 ? -0.641  7.617   -21.172 1.00 20.00 ? 204 SER A CA 1 
ATOM 205 C CA . PHE A 1 205 ? 0.830   5.019   -23.380 1.00 20.00 ? 205 PHE A CA 1 
ATOM 206 C CA . ILE A 1 206 ? 1.886   4.819   -26.918 1.00 20.00 ? 206 ILE A CA 1 
ATOM 207 C CA . CYS A 1 207 ? 1.616   1.526   -28.789 1.00 20.00 ? 207 CYS A CA 1 
ATOM 208 C CA . ASN A 1 208 ? 4.087   -0.172  -31.098 1.00 20.00 ? 208 ASN A CA 1 
ATOM 209 C CA . GLY A 1 209 ? 1.649   -2.665  -32.535 1.00 20.00 ? 209 GLY A CA 1 
ATOM 210 C CA . SER A 1 210 ? 0.174   -4.467  -29.645 1.00 20.00 ? 210 SER A CA 1 
ATOM 211 C CA . ARG A 1 211 ? 3.029   -3.422  -27.357 1.00 20.00 ? 211 ARG A CA 1 
ATOM 212 C CA . CYS A 1 212 ? 2.318   -0.193  -25.450 1.00 20.00 ? 212 CYS A CA 1 
ATOM 213 C CA . SER A 1 213 ? 4.803   1.875   -23.385 1.00 20.00 ? 213 SER A CA 1 
ATOM 214 C CA . VAL A 1 214 ? 4.490   5.119   -21.427 1.00 20.00 ? 214 VAL A CA 1 
ATOM 215 C CA . LYS A 1 215 ? 4.787   7.974   -23.814 1.00 20.00 ? 215 LYS A CA 1 
ATOM 216 C CA . LYS A 1 216 ? 8.139   9.586   -22.916 1.00 20.00 ? 216 LYS A CA 1 
ATOM 217 C CA . GLU A 1 217 ? 8.271   13.210  -21.566 1.00 20.00 ? 217 GLU A CA 1 
ATOM 218 C CA . LYS A 1 218 ? 12.025  13.720  -21.738 1.00 20.00 ? 218 LYS A CA 1 
# 
